data_5X6B
#
_entry.id   5X6B
#
_cell.length_a   107.252
_cell.length_b   107.252
_cell.length_c   551.102
_cell.angle_alpha   90.00
_cell.angle_beta   90.00
_cell.angle_gamma   120.00
#
_symmetry.space_group_name_H-M   'P 65 2 2'
#
loop_
_entity.id
_entity.type
_entity.pdbx_description
1 polymer 'O-phospho-L-seryl-tRNA:Cys-tRNA synthase'
2 polymer 'Uncharacterized protein MJ1481'
3 polymer tRNACys
4 water water
#
loop_
_entity_poly.entity_id
_entity_poly.type
_entity_poly.pdbx_seq_one_letter_code
_entity_poly.pdbx_strand_id
1 'polypeptide(L)'
;MGSSHHHHHHSSGLVPRGSHNMELEGPYSKKFEVITLDINLDKYKNLTRSLTREFINLNPIQRGGILPKEAKKAVYEYWD
GYSVCDYCHGRLDEVTCPPIKDFLEDIAKFLNMDCARPTHGAREGKFIVMHAICKEGDYVVLDKNAHYTSYVAAERAKLN
VAEVGYEEEYPTYKINLEGYKEVIDNLEDKGKNVGLILLTHVDGEYGNLNDAKKVGKIAKEKGIPFLLNCAYTVGRMPVN
GKEVKADFIVASGH(LLP)SMAASAPCGILAFSEEFSDKITKTSEKFPVKEIEMLGCTSRGLPIVTLMASFPHVVERVKK
WDEELKKTRYVVDELEKIGFKQLGIKPKEHDLIKFETPVLDEIAKKDKRRGFFFYDELKKRGIGGIRAGVTKEIKMSVYG
LEWEQVEYVVNAIKEIVESCK
;
I,J
2 'polypeptide(L)'
;MNHMRVEYSKDLIRKGISTISQLKKAKIRVEKDDKKISYKDAKPGKIDVNEFKKAIYLLIEADDFLYKKAPKHELNEEEA
KEFCKLIIKCQEHLNKILANFGFEFEEKEIDEGALYIVSNKKLFKKLKNKNPNLKVVCTEGMLDIEDMRAIGVPEKALEG
LKKKVEIARKNVERFIEKYKPEKIFVVVEDDKDELLYLRAKNLYNAEKLDADEILD
;
E,F
3 'polyribonucleotide' GCCGGGGUAGUCUAGGGGCUAGGCAGCGGACUGCAGAUCCGCCUUACGUGGGUUCAAAUCCCACCCCCGGCUCCA P
#
loop_
_chem_comp.id
_chem_comp.type
_chem_comp.name
_chem_comp.formula
A RNA linking ADENOSINE-5'-MONOPHOSPHATE 'C10 H14 N5 O7 P'
C RNA linking CYTIDINE-5'-MONOPHOSPHATE 'C9 H14 N3 O8 P'
G RNA linking GUANOSINE-5'-MONOPHOSPHATE 'C10 H14 N5 O8 P'
U RNA linking URIDINE-5'-MONOPHOSPHATE 'C9 H13 N2 O9 P'
#
# COMPACT_ATOMS: atom_id res chain seq x y z
N LEU A 37 14.59 -15.31 12.20
CA LEU A 37 14.72 -16.56 11.45
C LEU A 37 15.69 -16.43 10.28
N ASP A 38 16.98 -16.56 10.58
CA ASP A 38 18.10 -16.50 9.63
C ASP A 38 17.84 -15.89 8.25
N ILE A 39 17.12 -14.76 8.22
CA ILE A 39 16.87 -14.05 6.98
C ILE A 39 17.22 -12.56 7.14
N ASN A 40 17.85 -12.01 6.12
CA ASN A 40 18.27 -10.62 6.14
C ASN A 40 17.12 -9.69 5.80
N LEU A 41 16.74 -8.85 6.77
CA LEU A 41 15.61 -7.96 6.61
C LEU A 41 16.00 -6.61 5.98
N ASP A 42 17.29 -6.44 5.70
CA ASP A 42 17.80 -5.16 5.20
C ASP A 42 17.25 -4.81 3.81
N LYS A 43 16.80 -5.82 3.08
CA LYS A 43 16.27 -5.62 1.74
C LYS A 43 14.95 -4.84 1.73
N TYR A 44 14.22 -4.92 2.85
CA TYR A 44 12.90 -4.33 2.93
C TYR A 44 12.91 -2.95 3.59
N LYS A 45 14.09 -2.51 4.03
CA LYS A 45 14.19 -1.27 4.78
C LYS A 45 14.41 -0.07 3.87
N ASN A 46 14.91 -0.33 2.66
CA ASN A 46 15.06 0.74 1.67
C ASN A 46 14.30 0.49 0.38
N LEU A 47 13.00 0.24 0.50
CA LEU A 47 12.09 0.28 -0.63
C LEU A 47 11.85 1.74 -0.99
N THR A 48 12.35 2.60 -0.12
CA THR A 48 12.31 4.05 -0.29
C THR A 48 13.14 4.50 -1.49
N ARG A 49 12.92 3.87 -2.65
CA ARG A 49 13.71 4.14 -3.83
C ARG A 49 13.04 3.64 -5.12
N SER A 50 11.75 3.93 -5.28
CA SER A 50 11.11 3.78 -6.59
C SER A 50 11.25 5.11 -7.30
N LEU A 51 11.62 5.08 -8.58
CA LEU A 51 12.07 6.29 -9.26
C LEU A 51 11.00 6.87 -10.17
N THR A 52 9.83 7.14 -9.58
CA THR A 52 8.73 7.77 -10.30
C THR A 52 8.95 9.27 -10.44
N ARG A 53 9.77 9.83 -9.56
CA ARG A 53 9.96 11.28 -9.51
C ARG A 53 11.21 11.77 -10.24
N GLU A 54 12.19 10.90 -10.42
CA GLU A 54 13.40 11.34 -11.12
C GLU A 54 13.46 10.80 -12.54
N PHE A 55 12.41 10.09 -12.96
CA PHE A 55 12.30 9.61 -14.33
C PHE A 55 10.91 9.88 -14.88
N ILE A 56 10.84 10.16 -16.19
CA ILE A 56 9.56 10.21 -16.88
C ILE A 56 9.16 8.80 -17.24
N ASN A 57 7.95 8.41 -16.86
CA ASN A 57 7.45 7.07 -17.12
C ASN A 57 6.50 7.06 -18.32
N LEU A 58 6.93 6.44 -19.40
CA LEU A 58 6.14 6.37 -20.64
C LEU A 58 5.23 5.13 -20.72
N ASN A 59 5.27 4.30 -19.68
CA ASN A 59 4.47 3.08 -19.68
C ASN A 59 2.98 3.36 -19.60
N PRO A 60 2.23 2.95 -20.63
CA PRO A 60 0.79 3.20 -20.76
C PRO A 60 -0.04 2.76 -19.56
N ILE A 61 0.34 1.64 -18.94
CA ILE A 61 -0.45 1.07 -17.85
C ILE A 61 -0.43 1.96 -16.60
N GLN A 62 0.52 2.89 -16.55
CA GLN A 62 0.69 3.69 -15.35
C GLN A 62 0.33 5.16 -15.54
N ARG A 63 0.17 5.59 -16.78
CA ARG A 63 -0.06 7.00 -17.10
C ARG A 63 -1.33 7.59 -16.47
N GLY A 64 -2.38 6.79 -16.37
CA GLY A 64 -3.65 7.27 -15.87
C GLY A 64 -3.88 6.89 -14.42
N GLY A 65 -2.84 6.38 -13.78
CA GLY A 65 -2.91 6.01 -12.38
C GLY A 65 -2.11 6.92 -11.49
N ILE A 66 -1.58 7.99 -12.08
CA ILE A 66 -0.81 9.00 -11.34
C ILE A 66 -1.71 9.80 -10.39
N LEU A 67 -1.40 9.75 -9.10
CA LEU A 67 -2.21 10.40 -8.07
C LEU A 67 -2.13 11.92 -8.12
N PRO A 68 -3.29 12.59 -8.10
CA PRO A 68 -3.37 14.04 -7.86
C PRO A 68 -3.08 14.34 -6.38
N LYS A 69 -2.79 15.59 -6.05
CA LYS A 69 -2.39 15.93 -4.68
C LYS A 69 -3.54 15.79 -3.69
N GLU A 70 -4.78 15.90 -4.17
CA GLU A 70 -5.96 15.71 -3.33
C GLU A 70 -6.02 14.28 -2.80
N ALA A 71 -5.54 13.34 -3.59
CA ALA A 71 -5.51 11.93 -3.18
C ALA A 71 -4.37 11.69 -2.20
N LYS A 72 -3.22 12.31 -2.46
CA LYS A 72 -2.05 12.16 -1.59
C LYS A 72 -2.35 12.64 -0.17
N LYS A 73 -3.12 13.71 -0.05
CA LYS A 73 -3.52 14.22 1.26
C LYS A 73 -4.47 13.23 1.93
N ALA A 74 -5.32 12.59 1.13
CA ALA A 74 -6.26 11.61 1.65
C ALA A 74 -5.51 10.38 2.19
N VAL A 75 -4.46 9.98 1.48
CA VAL A 75 -3.62 8.88 1.94
C VAL A 75 -2.99 9.18 3.29
N TYR A 76 -2.51 10.42 3.46
CA TYR A 76 -1.93 10.84 4.73
C TYR A 76 -2.94 10.71 5.86
N GLU A 77 -4.21 10.96 5.57
CA GLU A 77 -5.26 10.86 6.57
C GLU A 77 -5.62 9.41 6.89
N TYR A 78 -5.41 8.52 5.92
CA TYR A 78 -5.86 7.13 6.08
C TYR A 78 -4.78 6.08 5.81
N TRP A 79 -3.55 6.29 6.30
CA TRP A 79 -2.51 5.28 6.13
C TRP A 79 -2.99 3.91 6.63
N ASP A 80 -3.79 3.94 7.69
CA ASP A 80 -4.14 2.74 8.45
C ASP A 80 -5.58 2.28 8.21
N GLY A 81 -6.54 3.15 8.51
CA GLY A 81 -7.94 2.83 8.31
C GLY A 81 -8.84 3.98 8.71
N TYR A 82 -10.12 3.90 8.33
CA TYR A 82 -11.08 4.93 8.66
C TYR A 82 -11.89 4.57 9.90
N CYS A 97 -20.99 2.02 4.96
CA CYS A 97 -20.10 3.18 4.88
C CYS A 97 -20.68 4.22 3.92
N PRO A 98 -21.40 5.21 4.46
CA PRO A 98 -22.10 6.24 3.69
C PRO A 98 -21.27 7.04 2.66
N PRO A 99 -20.00 7.40 2.96
CA PRO A 99 -19.30 8.12 1.88
C PRO A 99 -19.05 7.22 0.67
N ILE A 100 -18.90 5.92 0.90
CA ILE A 100 -18.72 4.95 -0.17
C ILE A 100 -20.01 4.77 -0.97
N LYS A 101 -21.15 4.76 -0.26
CA LYS A 101 -22.43 4.53 -0.92
C LYS A 101 -22.81 5.73 -1.79
N ASP A 102 -22.51 6.93 -1.32
CA ASP A 102 -22.76 8.13 -2.12
C ASP A 102 -21.83 8.18 -3.33
N PHE A 103 -20.61 7.71 -3.13
CA PHE A 103 -19.62 7.63 -4.20
C PHE A 103 -20.09 6.69 -5.32
N LEU A 104 -20.67 5.57 -4.93
CA LEU A 104 -21.18 4.59 -5.89
C LEU A 104 -22.35 5.16 -6.68
N GLU A 105 -23.20 5.93 -6.03
CA GLU A 105 -24.31 6.61 -6.69
C GLU A 105 -23.78 7.59 -7.73
N ASP A 106 -22.67 8.23 -7.41
CA ASP A 106 -22.05 9.21 -8.30
C ASP A 106 -21.41 8.52 -9.51
N ILE A 107 -20.74 7.40 -9.26
CA ILE A 107 -20.13 6.61 -10.34
C ILE A 107 -21.19 6.11 -11.30
N ALA A 108 -22.32 5.67 -10.73
CA ALA A 108 -23.46 5.21 -11.51
C ALA A 108 -23.93 6.28 -12.47
N LYS A 109 -23.99 7.53 -12.01
CA LYS A 109 -24.41 8.63 -12.84
C LYS A 109 -23.31 8.99 -13.83
N PHE A 110 -22.07 9.06 -13.34
CA PHE A 110 -20.92 9.43 -14.16
C PHE A 110 -20.76 8.47 -15.34
N LEU A 111 -21.09 7.21 -15.11
CA LEU A 111 -21.04 6.21 -16.16
C LEU A 111 -22.42 6.03 -16.77
N ASN A 112 -23.38 6.81 -16.27
CA ASN A 112 -24.77 6.68 -16.69
C ASN A 112 -25.21 5.22 -16.59
N MET A 113 -25.21 4.67 -15.38
CA MET A 113 -25.66 3.30 -15.17
C MET A 113 -26.51 3.24 -13.91
N ASP A 114 -27.26 2.15 -13.75
CA ASP A 114 -28.17 2.02 -12.62
C ASP A 114 -27.44 1.76 -11.31
N CYS A 115 -26.47 0.86 -11.33
CA CYS A 115 -25.82 0.42 -10.10
C CYS A 115 -24.31 0.31 -10.25
N ALA A 116 -23.60 0.44 -9.14
CA ALA A 116 -22.14 0.30 -9.15
C ALA A 116 -21.61 -0.33 -7.86
N ARG A 117 -20.52 -1.07 -7.97
CA ARG A 117 -19.88 -1.70 -6.82
C ARG A 117 -18.36 -1.56 -6.92
N PRO A 118 -17.68 -1.40 -5.78
CA PRO A 118 -16.22 -1.31 -5.76
C PRO A 118 -15.57 -2.68 -5.95
N THR A 119 -14.43 -2.73 -6.63
CA THR A 119 -13.72 -4.00 -6.83
C THR A 119 -12.22 -3.81 -6.66
N HIS A 120 -11.49 -4.91 -6.67
CA HIS A 120 -10.04 -4.86 -6.56
C HIS A 120 -9.38 -4.70 -7.93
N GLY A 121 -10.15 -4.19 -8.89
CA GLY A 121 -9.63 -4.00 -10.23
C GLY A 121 -10.60 -4.48 -11.31
N ALA A 122 -10.23 -4.24 -12.56
CA ALA A 122 -11.07 -4.58 -13.70
C ALA A 122 -11.26 -6.09 -13.84
N ARG A 123 -10.17 -6.82 -13.71
CA ARG A 123 -10.18 -8.27 -13.88
C ARG A 123 -11.06 -8.97 -12.83
N GLU A 124 -11.09 -8.42 -11.62
CA GLU A 124 -11.94 -8.98 -10.58
C GLU A 124 -13.40 -8.72 -10.95
N GLY A 125 -13.64 -7.58 -11.59
CA GLY A 125 -14.98 -7.22 -12.02
C GLY A 125 -15.47 -8.16 -13.12
N LYS A 126 -14.58 -8.50 -14.04
CA LYS A 126 -14.91 -9.46 -15.09
C LYS A 126 -15.37 -10.79 -14.49
N PHE A 127 -14.52 -11.35 -13.64
CA PHE A 127 -14.80 -12.64 -13.01
C PHE A 127 -16.07 -12.61 -12.19
N ILE A 128 -16.36 -11.48 -11.56
CA ILE A 128 -17.59 -11.35 -10.78
C ILE A 128 -18.82 -11.52 -11.66
N VAL A 129 -18.78 -10.94 -12.85
CA VAL A 129 -19.92 -11.02 -13.78
C VAL A 129 -20.03 -12.42 -14.37
N MET A 130 -18.91 -12.97 -14.82
CA MET A 130 -18.90 -14.30 -15.41
C MET A 130 -19.38 -15.37 -14.42
N HIS A 131 -19.02 -15.18 -13.16
CA HIS A 131 -19.36 -16.13 -12.11
C HIS A 131 -20.84 -16.04 -11.72
N ALA A 132 -21.35 -14.82 -11.61
CA ALA A 132 -22.70 -14.57 -11.09
C ALA A 132 -23.79 -14.67 -12.15
N ILE A 133 -23.40 -14.61 -13.43
CA ILE A 133 -24.37 -14.57 -14.51
C ILE A 133 -24.35 -15.82 -15.38
N CYS A 134 -23.15 -16.22 -15.80
CA CYS A 134 -23.01 -17.38 -16.69
C CYS A 134 -23.04 -18.69 -15.93
N LYS A 135 -23.73 -19.68 -16.51
CA LYS A 135 -23.69 -21.05 -16.01
C LYS A 135 -22.41 -21.70 -16.50
N GLU A 136 -21.85 -22.59 -15.69
CA GLU A 136 -20.57 -23.22 -16.04
C GLU A 136 -20.68 -23.95 -17.39
N GLY A 137 -19.67 -23.78 -18.22
CA GLY A 137 -19.70 -24.36 -19.55
C GLY A 137 -20.12 -23.39 -20.64
N ASP A 138 -20.83 -22.32 -20.25
CA ASP A 138 -21.27 -21.28 -21.19
C ASP A 138 -20.12 -20.69 -22.00
N TYR A 139 -20.48 -20.00 -23.08
CA TYR A 139 -19.49 -19.34 -23.93
C TYR A 139 -19.50 -17.83 -23.72
N VAL A 140 -18.31 -17.27 -23.54
CA VAL A 140 -18.12 -15.84 -23.58
C VAL A 140 -17.57 -15.48 -24.95
N VAL A 141 -18.17 -14.48 -25.59
CA VAL A 141 -17.69 -14.03 -26.89
C VAL A 141 -16.95 -12.70 -26.73
N LEU A 142 -15.67 -12.69 -27.12
CA LEU A 142 -14.83 -11.51 -26.99
C LEU A 142 -13.95 -11.28 -28.22
N ASP A 143 -13.39 -10.08 -28.36
CA ASP A 143 -12.54 -9.75 -29.50
C ASP A 143 -11.17 -10.36 -29.35
N LYS A 144 -10.41 -10.40 -30.44
CA LYS A 144 -9.08 -11.01 -30.41
C LYS A 144 -8.05 -10.04 -29.78
N ASN A 145 -8.46 -8.80 -29.55
CA ASN A 145 -7.60 -7.84 -28.87
C ASN A 145 -7.88 -7.80 -27.37
N ALA A 146 -8.57 -8.82 -26.88
CA ALA A 146 -8.96 -8.88 -25.47
C ALA A 146 -7.78 -9.04 -24.54
N HIS A 147 -7.90 -8.44 -23.35
CA HIS A 147 -6.85 -8.52 -22.34
C HIS A 147 -6.80 -9.93 -21.78
N TYR A 148 -5.59 -10.43 -21.52
CA TYR A 148 -5.41 -11.81 -21.06
C TYR A 148 -6.27 -12.14 -19.85
N THR A 149 -6.52 -11.15 -19.00
CA THR A 149 -7.34 -11.35 -17.82
C THR A 149 -8.79 -11.71 -18.16
N SER A 150 -9.22 -11.39 -19.38
CA SER A 150 -10.56 -11.77 -19.82
C SER A 150 -10.61 -13.27 -20.06
N TYR A 151 -9.57 -13.79 -20.71
CA TYR A 151 -9.46 -15.21 -20.93
C TYR A 151 -9.37 -15.94 -19.59
N VAL A 152 -8.54 -15.41 -18.70
CA VAL A 152 -8.27 -16.04 -17.42
C VAL A 152 -9.49 -16.00 -16.49
N ALA A 153 -10.17 -14.87 -16.43
CA ALA A 153 -11.41 -14.81 -15.65
C ALA A 153 -12.45 -15.80 -16.17
N ALA A 154 -12.53 -15.96 -17.48
CA ALA A 154 -13.44 -16.92 -18.09
C ALA A 154 -13.09 -18.36 -17.70
N GLU A 155 -11.82 -18.71 -17.87
CA GLU A 155 -11.34 -20.03 -17.48
C GLU A 155 -11.57 -20.29 -15.98
N ARG A 156 -11.38 -19.26 -15.16
CA ARG A 156 -11.61 -19.41 -13.73
C ARG A 156 -13.09 -19.60 -13.42
N ALA A 157 -13.95 -18.93 -14.18
CA ALA A 157 -15.39 -19.14 -14.05
C ALA A 157 -15.79 -20.41 -14.79
N LYS A 158 -14.79 -21.23 -15.10
CA LYS A 158 -14.90 -22.40 -15.98
C LYS A 158 -15.91 -22.20 -17.10
N LEU A 159 -15.67 -21.16 -17.89
CA LEU A 159 -16.48 -20.86 -19.08
C LEU A 159 -15.67 -21.12 -20.33
N ASN A 160 -16.37 -21.19 -21.47
CA ASN A 160 -15.70 -21.34 -22.76
C ASN A 160 -15.53 -19.99 -23.46
N VAL A 161 -14.55 -19.90 -24.35
CA VAL A 161 -14.20 -18.63 -25.00
C VAL A 161 -14.15 -18.73 -26.52
N ALA A 162 -14.86 -17.81 -27.19
CA ALA A 162 -14.78 -17.68 -28.64
C ALA A 162 -14.37 -16.27 -29.06
N GLU A 163 -13.39 -16.16 -29.95
CA GLU A 163 -12.84 -14.88 -30.37
C GLU A 163 -13.49 -14.26 -31.62
N VAL A 164 -13.88 -13.00 -31.53
CA VAL A 164 -14.26 -12.22 -32.72
C VAL A 164 -12.99 -11.66 -33.36
N GLY A 165 -12.87 -11.83 -34.68
CA GLY A 165 -11.62 -11.55 -35.36
C GLY A 165 -11.45 -10.19 -36.00
N TYR A 166 -10.41 -10.07 -36.80
CA TYR A 166 -9.98 -8.78 -37.33
C TYR A 166 -10.60 -8.36 -38.66
N GLU A 167 -11.18 -7.16 -38.66
CA GLU A 167 -11.50 -6.43 -39.88
C GLU A 167 -10.26 -6.24 -40.76
N GLU A 168 -9.13 -6.03 -40.10
CA GLU A 168 -7.83 -5.93 -40.77
C GLU A 168 -6.75 -6.15 -39.73
N GLU A 169 -5.68 -6.85 -40.11
CA GLU A 169 -4.58 -7.06 -39.17
C GLU A 169 -3.53 -5.97 -39.35
N TYR A 170 -2.42 -6.31 -39.98
CA TYR A 170 -1.39 -5.31 -40.22
C TYR A 170 -1.91 -4.23 -41.17
N PRO A 171 -1.71 -2.96 -40.79
CA PRO A 171 -1.03 -2.55 -39.56
C PRO A 171 -1.98 -2.07 -38.45
N THR A 172 -3.28 -1.98 -38.74
CA THR A 172 -4.21 -1.37 -37.80
C THR A 172 -4.78 -2.33 -36.75
N TYR A 173 -4.88 -3.60 -37.10
CA TYR A 173 -5.40 -4.63 -36.19
C TYR A 173 -6.75 -4.25 -35.59
N LYS A 174 -7.64 -3.74 -36.45
CA LYS A 174 -8.98 -3.34 -36.04
C LYS A 174 -9.89 -4.56 -35.86
N ILE A 175 -10.85 -4.46 -34.94
CA ILE A 175 -11.81 -5.54 -34.71
C ILE A 175 -13.07 -5.38 -35.57
N ASN A 176 -13.49 -6.49 -36.18
CA ASN A 176 -14.73 -6.57 -36.94
C ASN A 176 -15.91 -6.68 -35.97
N LEU A 177 -16.48 -5.55 -35.55
CA LEU A 177 -17.50 -5.57 -34.50
C LEU A 177 -18.81 -6.24 -34.91
N GLU A 178 -19.16 -6.16 -36.17
CA GLU A 178 -20.38 -6.80 -36.66
C GLU A 178 -20.19 -8.32 -36.70
N GLY A 179 -18.93 -8.74 -36.63
CA GLY A 179 -18.59 -10.15 -36.54
C GLY A 179 -19.08 -10.83 -35.27
N TYR A 180 -19.59 -10.05 -34.33
CA TYR A 180 -20.16 -10.58 -33.11
C TYR A 180 -21.44 -11.36 -33.41
N LYS A 181 -22.24 -10.85 -34.35
CA LYS A 181 -23.45 -11.52 -34.78
C LYS A 181 -23.12 -12.88 -35.39
N GLU A 182 -22.07 -12.92 -36.20
CA GLU A 182 -21.62 -14.15 -36.84
C GLU A 182 -21.21 -15.20 -35.81
N VAL A 183 -20.27 -14.85 -34.92
CA VAL A 183 -19.76 -15.77 -33.91
C VAL A 183 -20.87 -16.31 -33.02
N ILE A 184 -21.79 -15.44 -32.62
CA ILE A 184 -22.93 -15.84 -31.82
C ILE A 184 -23.79 -16.85 -32.57
N ASP A 185 -24.15 -16.50 -33.81
CA ASP A 185 -24.93 -17.37 -34.67
C ASP A 185 -24.29 -18.74 -34.81
N ASN A 186 -23.02 -18.76 -35.21
CA ASN A 186 -22.31 -20.00 -35.44
C ASN A 186 -22.23 -20.88 -34.20
N LEU A 187 -22.25 -20.26 -33.02
CA LEU A 187 -22.22 -21.02 -31.77
C LEU A 187 -23.61 -21.53 -31.39
N GLU A 188 -24.62 -20.68 -31.54
CA GLU A 188 -25.99 -21.06 -31.25
C GLU A 188 -26.48 -22.15 -32.19
N ASP A 189 -25.99 -22.11 -33.43
CA ASP A 189 -26.31 -23.15 -34.43
C ASP A 189 -25.68 -24.48 -34.05
N LYS A 190 -24.56 -24.44 -33.33
CA LYS A 190 -23.90 -25.66 -32.88
C LYS A 190 -24.44 -26.11 -31.52
N GLY A 191 -25.47 -25.44 -31.04
CA GLY A 191 -26.14 -25.83 -29.81
C GLY A 191 -25.56 -25.23 -28.53
N LYS A 192 -24.38 -24.63 -28.63
CA LYS A 192 -23.75 -23.98 -27.49
C LYS A 192 -24.53 -22.72 -27.11
N ASN A 193 -24.71 -22.48 -25.81
CA ASN A 193 -25.35 -21.24 -25.38
C ASN A 193 -24.34 -20.16 -25.03
N VAL A 194 -24.63 -18.93 -25.43
CA VAL A 194 -23.74 -17.81 -25.12
C VAL A 194 -24.17 -17.13 -23.83
N GLY A 195 -23.28 -17.13 -22.85
CA GLY A 195 -23.58 -16.53 -21.56
C GLY A 195 -23.30 -15.03 -21.53
N LEU A 196 -22.25 -14.61 -22.23
CA LEU A 196 -21.79 -13.24 -22.12
C LEU A 196 -21.15 -12.68 -23.39
N ILE A 197 -21.51 -11.44 -23.73
CA ILE A 197 -20.81 -10.69 -24.78
C ILE A 197 -19.85 -9.68 -24.15
N LEU A 198 -18.58 -9.73 -24.57
CA LEU A 198 -17.54 -8.90 -23.97
C LEU A 198 -16.74 -8.10 -25.01
N LEU A 199 -16.76 -6.78 -24.87
CA LEU A 199 -15.93 -5.93 -25.71
C LEU A 199 -14.91 -5.14 -24.87
N THR A 200 -13.63 -5.33 -25.16
CA THR A 200 -12.59 -4.47 -24.62
C THR A 200 -12.67 -3.15 -25.37
N HIS A 201 -13.23 -2.15 -24.69
CA HIS A 201 -13.48 -0.84 -25.28
C HIS A 201 -12.25 -0.27 -25.97
N VAL A 202 -11.12 -0.34 -25.28
CA VAL A 202 -9.83 -0.02 -25.83
C VAL A 202 -8.85 -1.12 -25.46
N ASP A 203 -8.19 -1.72 -26.45
CA ASP A 203 -7.24 -2.77 -26.16
C ASP A 203 -5.91 -2.21 -25.65
N GLY A 204 -5.20 -3.03 -24.89
CA GLY A 204 -3.92 -2.65 -24.32
C GLY A 204 -2.73 -3.00 -25.17
N GLU A 205 -2.96 -3.39 -26.42
CA GLU A 205 -1.83 -3.71 -27.28
C GLU A 205 -1.62 -2.66 -28.37
N TYR A 206 -2.71 -2.16 -28.93
CA TYR A 206 -2.63 -1.18 -30.01
C TYR A 206 -3.29 0.13 -29.60
N GLY A 207 -4.22 0.05 -28.66
CA GLY A 207 -4.91 1.23 -28.17
C GLY A 207 -5.96 1.69 -29.15
N ASN A 208 -6.55 0.72 -29.87
CA ASN A 208 -7.66 1.03 -30.76
C ASN A 208 -8.92 1.26 -29.96
N LEU A 209 -9.69 2.26 -30.39
CA LEU A 209 -11.00 2.50 -29.83
C LEU A 209 -12.02 1.75 -30.68
N ASN A 210 -13.08 1.26 -30.06
CA ASN A 210 -14.08 0.49 -30.78
C ASN A 210 -15.47 1.06 -30.53
N ASP A 211 -16.32 1.03 -31.55
CA ASP A 211 -17.67 1.57 -31.41
C ASP A 211 -18.53 0.60 -30.62
N ALA A 212 -18.52 0.76 -29.31
CA ALA A 212 -19.19 -0.16 -28.40
C ALA A 212 -20.70 -0.24 -28.65
N LYS A 213 -21.28 0.81 -29.22
CA LYS A 213 -22.73 0.83 -29.43
C LYS A 213 -23.14 -0.19 -30.47
N LYS A 214 -22.26 -0.45 -31.45
CA LYS A 214 -22.54 -1.46 -32.47
C LYS A 214 -22.67 -2.85 -31.85
N VAL A 215 -21.72 -3.22 -30.99
CA VAL A 215 -21.77 -4.51 -30.34
C VAL A 215 -22.93 -4.57 -29.36
N GLY A 216 -23.26 -3.42 -28.76
CA GLY A 216 -24.36 -3.33 -27.83
C GLY A 216 -25.68 -3.67 -28.48
N LYS A 217 -25.92 -3.10 -29.66
CA LYS A 217 -27.15 -3.35 -30.39
C LYS A 217 -27.25 -4.81 -30.80
N ILE A 218 -26.14 -5.38 -31.27
CA ILE A 218 -26.08 -6.80 -31.58
C ILE A 218 -26.50 -7.67 -30.39
N ALA A 219 -25.96 -7.37 -29.22
CA ALA A 219 -26.24 -8.16 -28.02
C ALA A 219 -27.68 -7.99 -27.56
N LYS A 220 -28.26 -6.83 -27.86
CA LYS A 220 -29.63 -6.54 -27.46
C LYS A 220 -30.62 -7.35 -28.28
N GLU A 221 -30.33 -7.54 -29.58
CA GLU A 221 -31.24 -8.26 -30.47
C GLU A 221 -30.96 -9.75 -30.54
N LYS A 222 -30.01 -10.22 -29.74
CA LYS A 222 -29.82 -11.67 -29.62
C LYS A 222 -29.98 -12.08 -28.15
N GLY A 223 -30.50 -11.15 -27.35
CA GLY A 223 -30.86 -11.41 -25.97
C GLY A 223 -29.74 -11.84 -25.03
N ILE A 224 -28.53 -11.35 -25.29
CA ILE A 224 -27.37 -11.78 -24.53
C ILE A 224 -26.73 -10.61 -23.77
N PRO A 225 -26.46 -10.81 -22.47
CA PRO A 225 -25.82 -9.78 -21.63
C PRO A 225 -24.49 -9.29 -22.18
N PHE A 226 -24.30 -7.96 -22.13
CA PHE A 226 -23.15 -7.31 -22.73
C PHE A 226 -22.25 -6.65 -21.68
N LEU A 227 -21.04 -7.17 -21.54
CA LEU A 227 -20.04 -6.59 -20.65
C LEU A 227 -19.03 -5.77 -21.42
N LEU A 228 -18.96 -4.48 -21.12
CA LEU A 228 -17.98 -3.62 -21.76
C LEU A 228 -16.75 -3.44 -20.86
N ASN A 229 -15.61 -3.93 -21.33
CA ASN A 229 -14.35 -3.75 -20.60
C ASN A 229 -13.82 -2.33 -20.78
N CYS A 230 -14.18 -1.45 -19.86
CA CYS A 230 -13.84 -0.04 -19.95
C CYS A 230 -12.55 0.30 -19.20
N ALA A 231 -11.74 -0.71 -18.94
CA ALA A 231 -10.36 -0.46 -18.58
C ALA A 231 -9.77 0.34 -19.73
N TYR A 232 -8.81 1.21 -19.44
CA TYR A 232 -8.22 2.09 -20.46
C TYR A 232 -9.19 3.12 -21.04
N THR A 233 -10.37 3.26 -20.44
CA THR A 233 -11.37 4.15 -21.02
C THR A 233 -12.12 5.00 -19.97
N VAL A 234 -12.70 4.37 -18.96
CA VAL A 234 -13.35 5.15 -17.91
C VAL A 234 -12.29 5.89 -17.10
N GLY A 235 -12.48 7.18 -16.94
CA GLY A 235 -11.49 8.01 -16.27
C GLY A 235 -10.54 8.69 -17.24
N ARG A 236 -10.60 8.29 -18.50
CA ARG A 236 -9.83 8.94 -19.55
C ARG A 236 -10.76 9.68 -20.51
N MET A 237 -11.71 8.96 -21.10
CA MET A 237 -12.70 9.58 -21.97
C MET A 237 -14.08 9.39 -21.36
N PRO A 238 -15.01 10.29 -21.70
CA PRO A 238 -16.38 10.14 -21.18
C PRO A 238 -17.00 8.84 -21.68
N VAL A 239 -17.79 8.19 -20.83
CA VAL A 239 -18.43 6.93 -21.20
C VAL A 239 -19.91 6.94 -20.85
N ASN A 240 -20.74 6.58 -21.83
CA ASN A 240 -22.17 6.45 -21.56
C ASN A 240 -22.63 5.00 -21.75
N GLY A 241 -22.68 4.27 -20.63
CA GLY A 241 -23.01 2.86 -20.64
C GLY A 241 -24.32 2.45 -21.30
N LYS A 242 -25.39 3.17 -21.01
CA LYS A 242 -26.68 2.82 -21.60
C LYS A 242 -26.82 3.35 -23.02
N GLU A 243 -26.01 4.34 -23.37
CA GLU A 243 -25.96 4.79 -24.75
C GLU A 243 -25.38 3.68 -25.61
N VAL A 244 -24.37 3.00 -25.10
CA VAL A 244 -23.79 1.86 -25.82
C VAL A 244 -24.54 0.59 -25.46
N LYS A 245 -25.63 0.75 -24.71
CA LYS A 245 -26.52 -0.34 -24.30
C LYS A 245 -25.76 -1.48 -23.62
N ALA A 246 -24.84 -1.11 -22.74
CA ALA A 246 -24.09 -2.09 -21.96
C ALA A 246 -24.90 -2.56 -20.75
N ASP A 247 -24.79 -3.84 -20.43
CA ASP A 247 -25.44 -4.39 -19.25
C ASP A 247 -24.47 -4.29 -18.08
N PHE A 248 -23.19 -4.35 -18.40
CA PHE A 248 -22.13 -4.27 -17.41
C PHE A 248 -20.98 -3.40 -17.89
N ILE A 249 -20.34 -2.71 -16.96
CA ILE A 249 -19.09 -2.00 -17.22
C ILE A 249 -18.09 -2.30 -16.12
N VAL A 250 -16.89 -2.75 -16.50
CA VAL A 250 -15.81 -2.84 -15.53
C VAL A 250 -14.83 -1.68 -15.77
N ALA A 251 -14.16 -1.23 -14.70
CA ALA A 251 -13.20 -0.15 -14.82
C ALA A 251 -12.00 -0.38 -13.89
N SER A 252 -10.83 0.06 -14.34
CA SER A 252 -9.63 -0.07 -13.52
C SER A 252 -9.29 1.27 -12.87
N GLY A 253 -9.50 1.33 -11.56
CA GLY A 253 -9.18 2.53 -10.78
C GLY A 253 -7.72 2.91 -10.91
N HIS A 254 -6.84 1.91 -10.90
CA HIS A 254 -5.40 2.16 -10.91
C HIS A 254 -4.80 2.27 -12.31
N1 LLP A 255 -8.33 -4.94 -19.54
C2 LLP A 255 -7.41 -4.23 -20.20
C2' LLP A 255 -7.65 -3.82 -21.69
C3 LLP A 255 -6.20 -3.84 -19.55
O3 LLP A 255 -5.24 -3.09 -20.24
C4 LLP A 255 -5.98 -4.19 -18.24
C4' LLP A 255 -4.61 -3.75 -17.51
C5 LLP A 255 -6.91 -4.92 -17.56
C6 LLP A 255 -8.10 -5.30 -18.20
C5' LLP A 255 -6.66 -5.31 -16.08
OP4 LLP A 255 -7.05 -4.21 -15.27
P LLP A 255 -6.93 -4.35 -13.75
OP1 LLP A 255 -5.48 -4.07 -13.34
OP2 LLP A 255 -7.87 -3.41 -13.09
OP3 LLP A 255 -7.28 -5.74 -13.35
N LLP A 255 -5.62 2.03 -13.34
CA LLP A 255 -5.09 2.19 -14.70
CB LLP A 255 -5.48 1.06 -15.62
CG LLP A 255 -4.18 0.60 -16.29
CD LLP A 255 -4.47 -0.06 -17.64
CE LLP A 255 -5.06 -1.45 -17.37
NZ LLP A 255 -4.18 -2.47 -17.97
C LLP A 255 -5.53 3.48 -15.29
O LLP A 255 -4.76 4.12 -15.99
N SER A 256 -6.77 3.89 -15.01
CA SER A 256 -7.35 5.03 -15.69
C SER A 256 -8.15 5.97 -14.80
N MET A 257 -8.15 5.74 -13.49
CA MET A 257 -8.92 6.63 -12.62
C MET A 257 -8.07 7.27 -11.51
N ALA A 258 -6.78 7.41 -11.77
CA ALA A 258 -5.85 8.10 -10.88
C ALA A 258 -5.94 7.63 -9.43
N ALA A 259 -6.05 6.32 -9.23
CA ALA A 259 -6.14 5.74 -7.90
C ALA A 259 -5.01 4.74 -7.66
N SER A 260 -4.79 4.40 -6.40
CA SER A 260 -3.77 3.41 -6.06
C SER A 260 -4.30 1.99 -6.29
N ALA A 261 -3.45 1.11 -6.78
CA ALA A 261 -3.81 -0.28 -6.96
C ALA A 261 -3.95 -0.98 -5.60
N PRO A 262 -4.80 -2.01 -5.51
CA PRO A 262 -5.74 -2.44 -6.55
C PRO A 262 -7.17 -2.01 -6.26
N CYS A 263 -7.76 -1.23 -7.16
CA CYS A 263 -9.17 -0.93 -7.03
C CYS A 263 -9.81 -0.82 -8.41
N GLY A 264 -11.14 -0.90 -8.43
CA GLY A 264 -11.87 -0.85 -9.68
C GLY A 264 -13.36 -0.66 -9.49
N ILE A 265 -14.07 -0.51 -10.59
CA ILE A 265 -15.53 -0.35 -10.54
C ILE A 265 -16.24 -1.41 -11.39
N LEU A 266 -17.37 -1.89 -10.89
CA LEU A 266 -18.28 -2.73 -11.68
C LEU A 266 -19.64 -2.04 -11.71
N ALA A 267 -20.04 -1.59 -12.89
CA ALA A 267 -21.33 -0.93 -13.04
C ALA A 267 -22.28 -1.84 -13.79
N PHE A 268 -23.54 -1.88 -13.37
CA PHE A 268 -24.49 -2.82 -13.94
C PHE A 268 -25.92 -2.29 -13.88
N SER A 269 -26.77 -2.88 -14.71
CA SER A 269 -28.18 -2.51 -14.79
C SER A 269 -28.97 -3.11 -13.64
N GLU A 270 -30.13 -2.51 -13.34
CA GLU A 270 -31.03 -3.03 -12.32
C GLU A 270 -31.46 -4.47 -12.63
N GLU A 271 -31.45 -4.81 -13.92
CA GLU A 271 -31.83 -6.13 -14.37
C GLU A 271 -30.98 -7.24 -13.75
N PHE A 272 -29.68 -7.02 -13.66
CA PHE A 272 -28.77 -8.06 -13.18
C PHE A 272 -28.32 -7.79 -11.74
N SER A 273 -28.89 -6.76 -11.13
CA SER A 273 -28.52 -6.38 -9.77
C SER A 273 -28.75 -7.51 -8.77
N ASP A 274 -29.82 -8.27 -8.96
CA ASP A 274 -30.17 -9.35 -8.03
C ASP A 274 -29.15 -10.48 -8.02
N LYS A 275 -28.54 -10.75 -9.17
CA LYS A 275 -27.57 -11.83 -9.27
C LYS A 275 -26.16 -11.37 -8.92
N ILE A 276 -25.88 -10.08 -9.14
CA ILE A 276 -24.59 -9.53 -8.79
C ILE A 276 -24.52 -9.29 -7.28
N THR A 277 -25.55 -8.63 -6.74
CA THR A 277 -25.57 -8.26 -5.33
C THR A 277 -26.25 -9.30 -4.46
N LYS A 278 -26.34 -10.53 -4.96
CA LYS A 278 -26.97 -11.62 -4.20
C LYS A 278 -26.25 -11.83 -2.88
N THR A 279 -27.03 -12.09 -1.82
CA THR A 279 -26.46 -12.15 -0.49
C THR A 279 -26.35 -13.58 0.05
N SER A 280 -25.44 -13.76 0.99
CA SER A 280 -25.23 -15.03 1.68
C SER A 280 -26.49 -15.43 2.44
N GLU A 281 -26.78 -16.73 2.49
CA GLU A 281 -27.96 -17.22 3.18
C GLU A 281 -27.81 -17.05 4.68
N LYS A 282 -26.59 -17.24 5.18
CA LYS A 282 -26.32 -17.10 6.61
C LYS A 282 -26.16 -15.64 7.01
N PHE A 283 -25.55 -14.84 6.15
CA PHE A 283 -25.35 -13.43 6.44
C PHE A 283 -25.95 -12.58 5.32
N PRO A 284 -27.24 -12.26 5.44
CA PRO A 284 -28.05 -11.57 4.43
C PRO A 284 -27.57 -10.15 4.11
N VAL A 285 -26.80 -9.54 5.00
CA VAL A 285 -26.25 -8.22 4.74
C VAL A 285 -25.06 -8.33 3.78
N LYS A 286 -24.37 -9.47 3.86
CA LYS A 286 -23.16 -9.68 3.07
C LYS A 286 -23.44 -10.20 1.67
N GLU A 287 -22.89 -9.51 0.66
CA GLU A 287 -23.01 -9.93 -0.73
C GLU A 287 -21.95 -10.96 -1.07
N ILE A 288 -22.40 -12.09 -1.60
CA ILE A 288 -21.55 -13.25 -1.82
C ILE A 288 -20.37 -12.95 -2.75
N GLU A 289 -20.67 -12.25 -3.84
CA GLU A 289 -19.68 -12.06 -4.89
C GLU A 289 -18.62 -11.04 -4.46
N MET A 290 -18.96 -10.22 -3.46
CA MET A 290 -18.02 -9.26 -2.90
C MET A 290 -17.21 -9.87 -1.76
N LEU A 291 -17.61 -11.07 -1.34
CA LEU A 291 -17.05 -11.73 -0.16
C LEU A 291 -17.20 -10.87 1.09
N GLY A 292 -18.26 -10.08 1.14
CA GLY A 292 -18.56 -9.29 2.33
C GLY A 292 -17.95 -7.90 2.32
N CYS A 293 -16.85 -7.74 1.57
CA CYS A 293 -16.18 -6.44 1.37
C CYS A 293 -17.21 -5.35 1.04
N THR A 294 -17.44 -4.33 1.88
CA THR A 294 -16.61 -3.82 3.00
C THR A 294 -15.25 -3.40 2.47
N SER A 295 -15.26 -2.34 1.66
CA SER A 295 -14.06 -1.81 1.05
C SER A 295 -13.38 -0.80 1.96
N ARG A 296 -12.17 -1.12 2.38
CA ARG A 296 -11.37 -0.23 3.20
C ARG A 296 -9.95 -0.19 2.67
N GLY A 297 -9.12 0.66 3.25
CA GLY A 297 -7.75 0.76 2.80
C GLY A 297 -7.57 1.89 1.80
N LEU A 298 -6.32 2.16 1.48
CA LEU A 298 -5.93 3.28 0.64
C LEU A 298 -6.43 3.30 -0.81
N PRO A 299 -6.54 2.12 -1.48
CA PRO A 299 -6.96 2.21 -2.89
C PRO A 299 -8.34 2.81 -3.10
N ILE A 300 -9.30 2.44 -2.27
CA ILE A 300 -10.65 2.98 -2.39
C ILE A 300 -10.67 4.46 -1.95
N VAL A 301 -9.74 4.83 -1.07
CA VAL A 301 -9.62 6.21 -0.61
C VAL A 301 -9.09 7.11 -1.72
N THR A 302 -8.04 6.65 -2.40
CA THR A 302 -7.49 7.39 -3.53
C THR A 302 -8.51 7.51 -4.64
N LEU A 303 -9.27 6.44 -4.88
CA LEU A 303 -10.28 6.43 -5.94
C LEU A 303 -11.31 7.54 -5.72
N MET A 304 -11.80 7.64 -4.48
CA MET A 304 -12.79 8.65 -4.13
C MET A 304 -12.20 10.06 -4.16
N ALA A 305 -10.98 10.19 -3.65
CA ALA A 305 -10.34 11.50 -3.55
C ALA A 305 -9.95 12.04 -4.91
N SER A 306 -9.64 11.13 -5.84
CA SER A 306 -9.26 11.51 -7.20
C SER A 306 -10.46 11.74 -8.11
N PHE A 307 -11.64 11.36 -7.63
CA PHE A 307 -12.82 11.35 -8.49
C PHE A 307 -13.18 12.71 -9.09
N PRO A 308 -13.13 13.80 -8.30
CA PRO A 308 -13.44 15.08 -8.93
C PRO A 308 -12.43 15.46 -10.02
N HIS A 309 -11.16 15.14 -9.77
CA HIS A 309 -10.10 15.35 -10.77
C HIS A 309 -10.34 14.53 -12.02
N VAL A 310 -10.90 13.32 -11.84
CA VAL A 310 -11.17 12.41 -12.95
C VAL A 310 -12.35 12.90 -13.80
N VAL A 311 -13.40 13.35 -13.12
CA VAL A 311 -14.55 13.95 -13.79
C VAL A 311 -14.13 15.17 -14.60
N GLU A 312 -13.15 15.88 -14.07
CA GLU A 312 -12.65 17.07 -14.74
C GLU A 312 -11.84 16.70 -15.98
N ARG A 313 -10.97 15.70 -15.85
CA ARG A 313 -9.97 15.43 -16.89
C ARG A 313 -10.53 14.67 -18.10
N VAL A 314 -11.74 14.14 -17.98
CA VAL A 314 -12.38 13.49 -19.12
C VAL A 314 -12.95 14.56 -20.05
N LYS A 315 -13.24 15.73 -19.49
CA LYS A 315 -13.70 16.88 -20.25
C LYS A 315 -12.56 17.50 -21.07
N LYS A 316 -11.33 17.12 -20.72
CA LYS A 316 -10.16 17.64 -21.40
C LYS A 316 -9.40 16.51 -22.07
N TRP A 317 -10.13 15.46 -22.42
CA TRP A 317 -9.57 14.28 -23.08
C TRP A 317 -8.89 14.63 -24.41
N ASP A 318 -9.45 15.62 -25.11
CA ASP A 318 -8.91 16.03 -26.41
C ASP A 318 -7.49 16.57 -26.32
N GLU A 319 -7.16 17.21 -25.20
CA GLU A 319 -5.82 17.78 -25.01
C GLU A 319 -4.79 16.66 -24.97
N GLU A 320 -5.15 15.55 -24.33
CA GLU A 320 -4.26 14.40 -24.23
C GLU A 320 -4.09 13.72 -25.59
N LEU A 321 -5.18 13.67 -26.37
CA LEU A 321 -5.08 13.18 -27.74
C LEU A 321 -4.14 14.06 -28.57
N LYS A 322 -4.22 15.37 -28.34
CA LYS A 322 -3.36 16.31 -29.03
C LYS A 322 -1.89 16.04 -28.73
N LYS A 323 -1.60 15.71 -27.47
CA LYS A 323 -0.24 15.31 -27.09
C LYS A 323 0.15 14.06 -27.84
N THR A 324 -0.77 13.10 -27.86
CA THR A 324 -0.55 11.79 -28.45
C THR A 324 -0.29 11.86 -29.96
N ARG A 325 -1.11 12.63 -30.66
CA ARG A 325 -0.96 12.77 -32.11
C ARG A 325 0.30 13.57 -32.47
N TYR A 326 0.70 14.48 -31.58
CA TYR A 326 1.95 15.21 -31.76
C TYR A 326 3.14 14.25 -31.72
N VAL A 327 3.08 13.27 -30.82
CA VAL A 327 4.18 12.32 -30.66
C VAL A 327 4.28 11.42 -31.90
N VAL A 328 3.13 10.97 -32.38
CA VAL A 328 3.09 10.14 -33.59
C VAL A 328 3.68 10.86 -34.80
N ASP A 329 3.13 12.03 -35.13
CA ASP A 329 3.61 12.82 -36.27
C ASP A 329 5.11 13.09 -36.22
N GLU A 330 5.60 13.45 -35.03
CA GLU A 330 7.01 13.78 -34.89
C GLU A 330 7.93 12.56 -35.02
N LEU A 331 7.55 11.45 -34.40
CA LEU A 331 8.42 10.29 -34.40
C LEU A 331 8.41 9.57 -35.75
N GLU A 332 7.32 9.73 -36.49
CA GLU A 332 7.25 9.17 -37.84
C GLU A 332 8.29 9.80 -38.78
N LYS A 333 8.70 11.02 -38.47
CA LYS A 333 9.72 11.71 -39.25
C LYS A 333 11.08 11.01 -39.15
N ILE A 334 11.31 10.30 -38.05
CA ILE A 334 12.59 9.62 -37.87
C ILE A 334 12.45 8.14 -38.25
N GLY A 335 11.28 7.77 -38.73
CA GLY A 335 11.08 6.43 -39.27
C GLY A 335 10.30 5.49 -38.40
N PHE A 336 9.59 6.02 -37.41
CA PHE A 336 8.69 5.19 -36.63
C PHE A 336 7.38 5.07 -37.39
N LYS A 337 6.72 3.93 -37.23
CA LYS A 337 5.43 3.73 -37.87
C LYS A 337 4.38 3.37 -36.84
N GLN A 338 3.36 4.20 -36.72
CA GLN A 338 2.30 3.94 -35.75
C GLN A 338 1.46 2.75 -36.19
N LEU A 339 1.28 1.78 -35.29
CA LEU A 339 0.38 0.67 -35.53
C LEU A 339 -0.98 1.03 -34.95
N GLY A 340 -2.01 0.27 -35.33
CA GLY A 340 -3.35 0.56 -34.86
C GLY A 340 -4.10 1.50 -35.78
N ILE A 341 -5.36 1.75 -35.44
CA ILE A 341 -6.19 2.71 -36.17
C ILE A 341 -5.59 4.13 -36.16
N LYS A 342 -5.68 4.82 -37.31
CA LYS A 342 -5.25 6.21 -37.45
C LYS A 342 -6.41 7.14 -37.80
N PRO A 343 -6.44 8.35 -37.21
CA PRO A 343 -5.54 8.86 -36.17
C PRO A 343 -5.87 8.28 -34.80
N LYS A 344 -4.94 8.38 -33.86
CA LYS A 344 -5.15 7.89 -32.51
C LYS A 344 -6.38 8.53 -31.86
N GLU A 345 -7.25 7.71 -31.29
CA GLU A 345 -8.32 8.23 -30.45
C GLU A 345 -8.17 7.66 -29.04
N HIS A 346 -6.94 7.26 -28.74
CA HIS A 346 -6.51 6.90 -27.39
C HIS A 346 -5.02 7.21 -27.29
N ASP A 347 -4.50 7.33 -26.08
CA ASP A 347 -3.12 7.76 -25.90
C ASP A 347 -2.11 6.61 -26.03
N LEU A 348 -2.59 5.37 -25.98
CA LEU A 348 -1.70 4.23 -26.08
C LEU A 348 -1.18 4.09 -27.51
N ILE A 349 0.10 4.36 -27.69
CA ILE A 349 0.73 4.24 -29.01
C ILE A 349 1.63 3.01 -29.11
N LYS A 350 1.41 2.21 -30.14
CA LYS A 350 2.38 1.17 -30.49
C LYS A 350 3.11 1.56 -31.75
N PHE A 351 4.44 1.53 -31.71
CA PHE A 351 5.25 1.89 -32.86
C PHE A 351 5.93 0.66 -33.42
N GLU A 352 6.01 0.59 -34.74
CA GLU A 352 6.97 -0.28 -35.39
C GLU A 352 8.22 0.56 -35.58
N THR A 353 9.35 0.07 -35.07
CA THR A 353 10.56 0.89 -35.03
C THR A 353 11.76 0.24 -35.71
N PRO A 354 11.71 0.13 -37.05
CA PRO A 354 12.80 -0.51 -37.80
C PRO A 354 14.15 0.19 -37.60
N VAL A 355 14.14 1.51 -37.48
CA VAL A 355 15.39 2.25 -37.34
C VAL A 355 16.08 1.92 -36.02
N LEU A 356 15.29 1.61 -34.98
CA LEU A 356 15.86 1.24 -33.69
C LEU A 356 16.52 -0.13 -33.76
N ASP A 357 15.86 -1.06 -34.47
CA ASP A 357 16.38 -2.42 -34.59
C ASP A 357 17.67 -2.46 -35.41
N GLU A 358 17.78 -1.57 -36.39
CA GLU A 358 18.98 -1.52 -37.23
C GLU A 358 20.18 -1.00 -36.44
N ILE A 359 19.92 -0.04 -35.56
CA ILE A 359 20.96 0.47 -34.67
C ILE A 359 21.43 -0.63 -33.72
N ALA A 360 20.48 -1.44 -33.24
CA ALA A 360 20.76 -2.51 -32.29
C ALA A 360 21.78 -3.51 -32.84
N LYS A 361 21.75 -3.72 -34.15
CA LYS A 361 22.62 -4.73 -34.78
C LYS A 361 24.07 -4.25 -34.90
N LYS A 362 24.32 -2.98 -34.63
CA LYS A 362 25.66 -2.42 -34.75
C LYS A 362 26.17 -1.86 -33.43
N ASP A 363 25.31 -1.90 -32.40
CA ASP A 363 25.68 -1.39 -31.09
C ASP A 363 26.05 -2.52 -30.14
N LYS A 364 27.11 -2.31 -29.36
CA LYS A 364 27.59 -3.31 -28.40
C LYS A 364 26.52 -3.73 -27.40
N ARG A 365 25.61 -2.82 -27.09
CA ARG A 365 24.54 -3.07 -26.14
C ARG A 365 23.39 -3.85 -26.77
N ARG A 366 23.50 -4.07 -28.09
CA ARG A 366 22.44 -4.72 -28.86
C ARG A 366 21.10 -3.99 -28.68
N GLY A 367 20.02 -4.75 -28.53
CA GLY A 367 18.71 -4.16 -28.41
C GLY A 367 18.50 -3.33 -27.15
N PHE A 368 19.39 -3.49 -26.17
CA PHE A 368 19.27 -2.80 -24.90
C PHE A 368 19.84 -1.39 -24.94
N PHE A 369 20.47 -1.03 -26.07
CA PHE A 369 21.02 0.31 -26.25
C PHE A 369 19.97 1.37 -26.00
N PHE A 370 18.75 1.10 -26.47
CA PHE A 370 17.67 2.08 -26.43
C PHE A 370 17.22 2.32 -25.00
N TYR A 371 17.22 1.26 -24.20
CA TYR A 371 16.87 1.37 -22.78
C TYR A 371 17.89 2.25 -22.05
N ASP A 372 19.17 1.99 -22.32
CA ASP A 372 20.25 2.74 -21.70
C ASP A 372 20.18 4.22 -22.04
N GLU A 373 20.05 4.49 -23.33
CA GLU A 373 20.05 5.87 -23.83
C GLU A 373 18.90 6.69 -23.23
N LEU A 374 17.74 6.08 -23.11
CA LEU A 374 16.60 6.73 -22.45
C LEU A 374 16.89 6.94 -20.97
N LYS A 375 17.53 5.96 -20.35
CA LYS A 375 17.86 6.02 -18.94
C LYS A 375 18.83 7.16 -18.66
N LYS A 376 19.77 7.38 -19.58
CA LYS A 376 20.72 8.48 -19.44
C LYS A 376 20.04 9.84 -19.43
N ARG A 377 18.86 9.92 -20.03
CA ARG A 377 18.19 11.20 -20.19
C ARG A 377 16.92 11.29 -19.36
N GLY A 378 16.81 10.37 -18.40
CA GLY A 378 15.76 10.41 -17.40
C GLY A 378 14.42 9.94 -17.89
N ILE A 379 14.44 9.01 -18.84
CA ILE A 379 13.22 8.46 -19.42
C ILE A 379 13.16 6.93 -19.27
N GLY A 380 12.03 6.43 -18.79
CA GLY A 380 11.83 5.00 -18.67
C GLY A 380 10.39 4.61 -18.95
N GLY A 381 10.08 3.32 -18.75
CA GLY A 381 8.73 2.83 -18.92
C GLY A 381 8.58 2.09 -20.23
N ILE A 382 9.68 2.02 -20.98
CA ILE A 382 9.71 1.27 -22.22
C ILE A 382 10.55 0.03 -22.00
N ARG A 383 10.07 -1.14 -22.41
CA ARG A 383 10.81 -2.37 -22.11
C ARG A 383 12.20 -2.43 -22.68
N ALA A 384 13.07 -2.98 -21.85
CA ALA A 384 14.46 -3.10 -22.15
C ALA A 384 14.67 -4.14 -23.24
N GLY A 385 15.56 -3.83 -24.17
CA GLY A 385 15.99 -4.79 -25.17
C GLY A 385 15.11 -4.95 -26.39
N VAL A 386 13.90 -4.40 -26.36
CA VAL A 386 12.99 -4.54 -27.50
C VAL A 386 13.10 -3.33 -28.44
N THR A 387 13.42 -3.61 -29.70
CA THR A 387 13.66 -2.54 -30.67
C THR A 387 12.78 -2.63 -31.92
N LYS A 388 12.17 -3.79 -32.16
CA LYS A 388 11.31 -3.95 -33.34
C LYS A 388 9.99 -3.24 -33.13
N GLU A 389 9.54 -3.19 -31.88
CA GLU A 389 8.33 -2.46 -31.52
C GLU A 389 8.51 -1.82 -30.15
N ILE A 390 7.85 -0.68 -29.94
CA ILE A 390 7.75 -0.12 -28.60
C ILE A 390 6.33 0.37 -28.37
N LYS A 391 5.87 0.31 -27.13
CA LYS A 391 4.58 0.91 -26.77
C LYS A 391 4.83 2.01 -25.76
N MET A 392 4.02 3.06 -25.83
CA MET A 392 4.23 4.25 -25.01
C MET A 392 3.01 5.16 -24.97
N SER A 393 2.90 5.89 -23.86
CA SER A 393 1.89 6.92 -23.72
C SER A 393 2.50 8.14 -23.04
N VAL A 394 2.07 9.33 -23.44
CA VAL A 394 2.50 10.53 -22.76
C VAL A 394 1.32 11.19 -22.06
N TYR A 395 0.26 10.41 -21.83
CA TYR A 395 -0.91 10.89 -21.11
C TYR A 395 -0.52 11.53 -19.77
N GLY A 396 -1.06 12.72 -19.52
CA GLY A 396 -0.91 13.36 -18.22
C GLY A 396 0.40 14.09 -18.02
N LEU A 397 1.36 13.89 -18.94
CA LEU A 397 2.60 14.62 -18.91
C LEU A 397 2.34 16.09 -19.28
N GLU A 398 3.16 16.98 -18.75
CA GLU A 398 3.11 18.37 -19.17
C GLU A 398 3.62 18.46 -20.61
N TRP A 399 3.12 19.43 -21.36
CA TRP A 399 3.57 19.62 -22.75
C TRP A 399 5.08 19.74 -22.86
N GLU A 400 5.68 20.39 -21.89
CA GLU A 400 7.13 20.50 -21.84
C GLU A 400 7.78 19.12 -21.72
N GLN A 401 7.13 18.23 -20.97
CA GLN A 401 7.67 16.88 -20.81
C GLN A 401 7.47 16.08 -22.09
N VAL A 402 6.36 16.33 -22.78
CA VAL A 402 6.11 15.70 -24.06
C VAL A 402 7.18 16.08 -25.09
N GLU A 403 7.52 17.37 -25.19
CA GLU A 403 8.58 17.81 -26.10
C GLU A 403 9.90 17.15 -25.73
N TYR A 404 10.18 17.10 -24.43
CA TYR A 404 11.42 16.53 -23.94
C TYR A 404 11.57 15.07 -24.38
N VAL A 405 10.49 14.31 -24.25
CA VAL A 405 10.47 12.92 -24.68
C VAL A 405 10.74 12.77 -26.17
N VAL A 406 10.05 13.57 -26.99
CA VAL A 406 10.23 13.53 -28.44
C VAL A 406 11.66 13.90 -28.86
N ASN A 407 12.16 15.01 -28.32
CA ASN A 407 13.50 15.46 -28.68
C ASN A 407 14.56 14.48 -28.21
N ALA A 408 14.31 13.83 -27.08
CA ALA A 408 15.24 12.85 -26.55
C ALA A 408 15.36 11.68 -27.51
N ILE A 409 14.21 11.13 -27.91
CA ILE A 409 14.17 10.02 -28.86
C ILE A 409 14.81 10.38 -30.19
N LYS A 410 14.51 11.57 -30.71
CA LYS A 410 15.12 12.04 -31.95
C LYS A 410 16.65 12.10 -31.82
N GLU A 411 17.12 12.59 -30.69
CA GLU A 411 18.54 12.71 -30.46
C GLU A 411 19.18 11.33 -30.27
N ILE A 412 18.41 10.37 -29.77
CA ILE A 412 18.91 9.00 -29.66
C ILE A 412 19.26 8.43 -31.03
N VAL A 413 18.28 8.43 -31.92
CA VAL A 413 18.42 7.78 -33.21
C VAL A 413 19.46 8.49 -34.08
N GLU A 414 19.64 9.80 -33.87
CA GLU A 414 20.59 10.56 -34.66
C GLU A 414 22.02 10.32 -34.18
N SER A 415 22.21 10.29 -32.86
CA SER A 415 23.53 10.06 -32.31
C SER A 415 23.95 8.59 -32.48
N CYS A 416 22.96 7.70 -32.43
CA CYS A 416 23.23 6.27 -32.57
C CYS A 416 23.02 5.79 -34.00
N LYS A 417 23.14 6.71 -34.95
CA LYS A 417 22.98 6.40 -36.38
C LYS A 417 21.58 5.89 -36.70
N VAL B 34 -14.37 26.10 -10.64
CA VAL B 34 -15.62 25.99 -11.39
C VAL B 34 -15.99 24.53 -11.67
N ILE B 35 -16.82 23.99 -10.80
CA ILE B 35 -17.25 22.59 -10.87
C ILE B 35 -17.99 22.28 -12.17
N THR B 36 -17.83 21.05 -12.68
CA THR B 36 -18.69 20.56 -13.75
C THR B 36 -19.92 19.93 -13.12
N LEU B 37 -20.91 20.77 -12.85
CA LEU B 37 -22.10 20.36 -12.10
C LEU B 37 -23.06 19.46 -12.88
N ASP B 38 -23.22 18.25 -12.36
CA ASP B 38 -24.43 17.47 -12.57
C ASP B 38 -24.75 16.89 -11.21
N ILE B 39 -23.69 16.60 -10.46
CA ILE B 39 -23.80 16.09 -9.11
C ILE B 39 -22.71 16.69 -8.23
N ASN B 40 -22.90 16.59 -6.91
CA ASN B 40 -21.96 17.16 -5.95
C ASN B 40 -20.56 16.58 -6.07
N LEU B 41 -19.55 17.43 -5.94
CA LEU B 41 -18.15 16.98 -5.96
C LEU B 41 -17.28 17.50 -4.79
N ASP B 42 -17.71 18.57 -4.11
CA ASP B 42 -16.89 19.10 -3.01
C ASP B 42 -17.15 18.40 -1.67
N LYS B 43 -18.10 17.47 -1.66
CA LYS B 43 -18.28 16.61 -0.49
C LYS B 43 -17.13 15.61 -0.40
N TYR B 44 -16.36 15.52 -1.49
CA TYR B 44 -15.25 14.59 -1.59
C TYR B 44 -13.98 15.10 -0.93
N LYS B 45 -13.95 16.40 -0.62
CA LYS B 45 -12.77 16.95 0.03
C LYS B 45 -13.02 17.12 1.53
N ASN B 46 -14.10 16.52 2.00
CA ASN B 46 -14.28 16.27 3.42
C ASN B 46 -13.45 15.05 3.81
N LEU B 47 -12.85 14.43 2.80
CA LEU B 47 -11.85 13.39 3.00
C LEU B 47 -10.52 14.03 3.41
N THR B 48 -10.32 15.29 3.02
CA THR B 48 -9.03 15.97 3.17
C THR B 48 -8.58 16.06 4.62
N ARG B 49 -9.51 16.08 5.57
CA ARG B 49 -9.11 16.05 6.96
C ARG B 49 -10.14 15.33 7.82
N SER B 50 -9.67 14.30 8.51
CA SER B 50 -10.52 13.50 9.37
C SER B 50 -10.10 13.64 10.82
N LEU B 51 -10.20 12.55 11.57
CA LEU B 51 -9.88 12.57 12.99
C LEU B 51 -8.96 11.42 13.35
N THR B 52 -8.17 10.98 12.38
CA THR B 52 -7.38 9.76 12.51
C THR B 52 -6.28 9.87 13.56
N ARG B 53 -5.80 11.08 13.79
CA ARG B 53 -4.70 11.29 14.75
C ARG B 53 -5.18 11.98 16.03
N GLU B 54 -6.48 12.23 16.11
CA GLU B 54 -7.04 12.90 17.28
C GLU B 54 -7.64 11.89 18.25
N PHE B 55 -7.60 10.62 17.89
CA PHE B 55 -8.23 9.59 18.72
C PHE B 55 -7.35 8.36 18.88
N ILE B 56 -7.52 7.68 20.00
CA ILE B 56 -7.04 6.32 20.14
C ILE B 56 -8.14 5.40 19.61
N ASN B 57 -7.78 4.56 18.65
CA ASN B 57 -8.73 3.61 18.08
C ASN B 57 -8.63 2.27 18.79
N LEU B 58 -9.73 1.84 19.40
CA LEU B 58 -9.74 0.59 20.16
C LEU B 58 -10.30 -0.59 19.36
N ASN B 59 -10.64 -0.35 18.09
CA ASN B 59 -11.19 -1.41 17.24
C ASN B 59 -10.17 -2.50 16.96
N PRO B 60 -10.46 -3.74 17.39
CA PRO B 60 -9.54 -4.87 17.28
C PRO B 60 -9.11 -5.21 15.85
N ILE B 61 -9.97 -4.95 14.87
CA ILE B 61 -9.61 -5.21 13.48
C ILE B 61 -8.62 -4.16 12.97
N GLN B 62 -8.50 -3.08 13.73
CA GLN B 62 -7.69 -1.93 13.33
C GLN B 62 -6.29 -1.96 13.97
N ARG B 63 -6.17 -2.51 15.17
CA ARG B 63 -4.95 -2.41 15.96
C ARG B 63 -3.70 -2.96 15.28
N GLY B 64 -3.85 -4.08 14.60
CA GLY B 64 -2.70 -4.74 14.01
C GLY B 64 -2.40 -4.27 12.60
N GLY B 65 -3.13 -3.25 12.17
CA GLY B 65 -2.97 -2.73 10.82
C GLY B 65 -2.45 -1.30 10.79
N ILE B 66 -1.93 -0.83 11.91
CA ILE B 66 -1.36 0.50 11.97
C ILE B 66 -0.02 0.52 11.23
N LEU B 67 0.16 1.50 10.36
CA LEU B 67 1.38 1.54 9.54
C LEU B 67 2.54 2.16 10.31
N PRO B 68 3.69 1.45 10.29
CA PRO B 68 4.94 1.98 10.83
C PRO B 68 5.56 2.95 9.83
N LYS B 69 6.44 3.82 10.30
CA LYS B 69 6.99 4.90 9.47
C LYS B 69 7.72 4.37 8.23
N GLU B 70 8.32 3.20 8.34
CA GLU B 70 9.00 2.56 7.21
C GLU B 70 8.02 2.35 6.06
N ALA B 71 6.80 1.96 6.39
CA ALA B 71 5.79 1.67 5.38
C ALA B 71 5.22 2.95 4.80
N LYS B 72 5.05 3.97 5.63
CA LYS B 72 4.54 5.26 5.16
C LYS B 72 5.51 5.88 4.14
N LYS B 73 6.80 5.75 4.40
CA LYS B 73 7.80 6.23 3.46
C LYS B 73 7.67 5.48 2.15
N ALA B 74 7.45 4.18 2.24
CA ALA B 74 7.28 3.34 1.06
C ALA B 74 6.04 3.74 0.27
N VAL B 75 4.98 4.14 0.98
CA VAL B 75 3.77 4.67 0.34
C VAL B 75 4.09 5.91 -0.50
N TYR B 76 4.84 6.84 0.10
CA TYR B 76 5.22 8.06 -0.58
C TYR B 76 5.97 7.79 -1.88
N GLU B 77 6.76 6.72 -1.89
CA GLU B 77 7.50 6.31 -3.08
C GLU B 77 6.62 5.62 -4.12
N TYR B 78 5.51 5.05 -3.66
CA TYR B 78 4.72 4.15 -4.50
C TYR B 78 3.22 4.46 -4.54
N TRP B 79 2.83 5.74 -4.50
CA TRP B 79 1.39 6.08 -4.57
C TRP B 79 0.73 5.49 -5.80
N ASP B 80 1.39 5.69 -6.93
CA ASP B 80 0.74 5.73 -8.23
C ASP B 80 0.51 4.38 -8.89
N GLY B 81 -0.76 4.09 -9.17
CA GLY B 81 -1.20 2.92 -9.92
C GLY B 81 -0.47 1.62 -9.65
N TYR B 82 0.07 1.02 -10.70
CA TYR B 82 0.85 -0.19 -10.59
C TYR B 82 2.23 0.08 -10.01
N SER B 83 2.79 -0.93 -9.35
CA SER B 83 4.19 -0.91 -8.96
C SER B 83 4.89 -2.13 -9.54
N VAL B 84 5.06 -2.12 -10.86
CA VAL B 84 5.68 -3.24 -11.56
C VAL B 84 6.81 -2.78 -12.47
N CYS B 85 8.04 -2.87 -11.97
CA CYS B 85 9.22 -2.59 -12.78
C CYS B 85 9.29 -3.65 -13.88
N ASP B 86 8.71 -4.81 -13.58
CA ASP B 86 8.36 -5.84 -14.54
C ASP B 86 7.52 -6.87 -13.78
N GLU B 94 5.38 -12.73 -12.32
CA GLU B 94 5.09 -12.36 -10.93
C GLU B 94 6.36 -12.48 -10.08
N VAL B 95 7.45 -12.86 -10.74
CA VAL B 95 8.75 -13.00 -10.10
C VAL B 95 9.53 -11.67 -10.21
N THR B 96 9.36 -10.82 -9.20
CA THR B 96 9.71 -9.40 -9.31
C THR B 96 10.83 -8.95 -8.37
N CYS B 97 11.61 -7.98 -8.83
CA CYS B 97 12.54 -7.25 -7.97
C CYS B 97 12.43 -5.74 -8.27
N PRO B 98 11.59 -4.98 -7.51
CA PRO B 98 10.83 -5.06 -6.26
C PRO B 98 10.70 -6.43 -5.62
N PRO B 99 11.54 -6.73 -4.63
CA PRO B 99 11.72 -8.10 -4.14
C PRO B 99 10.44 -8.76 -3.65
N ILE B 100 9.55 -9.07 -4.58
CA ILE B 100 8.33 -9.79 -4.27
C ILE B 100 8.64 -11.28 -4.18
N LYS B 101 9.45 -11.76 -5.13
CA LYS B 101 9.90 -13.14 -5.10
C LYS B 101 10.60 -13.44 -3.77
N ASP B 102 11.56 -12.61 -3.41
CA ASP B 102 12.32 -12.79 -2.17
C ASP B 102 11.40 -12.68 -0.95
N PHE B 103 10.45 -11.76 -1.02
CA PHE B 103 9.51 -11.58 0.07
C PHE B 103 8.62 -12.80 0.27
N LEU B 104 8.20 -13.40 -0.84
CA LEU B 104 7.32 -14.56 -0.79
C LEU B 104 8.02 -15.78 -0.22
N GLU B 105 9.32 -15.90 -0.48
CA GLU B 105 10.07 -17.00 0.12
C GLU B 105 10.36 -16.71 1.60
N ASP B 106 10.60 -15.44 1.93
CA ASP B 106 10.86 -15.06 3.32
C ASP B 106 9.60 -15.19 4.17
N ILE B 107 8.46 -14.85 3.59
CA ILE B 107 7.19 -14.98 4.30
C ILE B 107 6.82 -16.46 4.43
N ALA B 108 7.41 -17.29 3.58
CA ALA B 108 7.19 -18.72 3.65
C ALA B 108 7.99 -19.32 4.81
N LYS B 109 9.26 -18.96 4.89
CA LYS B 109 10.10 -19.41 6.00
C LYS B 109 9.51 -18.93 7.32
N PHE B 110 9.06 -17.68 7.33
CA PHE B 110 8.49 -17.05 8.51
C PHE B 110 7.30 -17.83 9.06
N LEU B 111 6.56 -18.47 8.15
CA LEU B 111 5.41 -19.26 8.54
C LEU B 111 5.74 -20.75 8.57
N ASN B 112 6.98 -21.06 8.20
CA ASN B 112 7.44 -22.44 8.06
C ASN B 112 6.50 -23.25 7.15
N MET B 113 6.21 -22.70 5.98
CA MET B 113 5.43 -23.39 4.97
C MET B 113 6.26 -23.49 3.69
N ASP B 114 5.85 -24.36 2.78
CA ASP B 114 6.61 -24.61 1.56
C ASP B 114 6.53 -23.43 0.59
N CYS B 115 5.32 -22.93 0.39
CA CYS B 115 5.07 -21.90 -0.62
C CYS B 115 4.18 -20.80 -0.08
N ALA B 116 4.11 -19.68 -0.79
CA ALA B 116 3.25 -18.57 -0.40
C ALA B 116 2.82 -17.76 -1.62
N ARG B 117 1.64 -17.16 -1.54
CA ARG B 117 1.16 -16.27 -2.60
C ARG B 117 0.47 -15.05 -2.01
N PRO B 118 0.64 -13.88 -2.65
CA PRO B 118 -0.03 -12.66 -2.21
C PRO B 118 -1.50 -12.67 -2.60
N THR B 119 -2.35 -12.16 -1.71
CA THR B 119 -3.79 -12.11 -1.95
C THR B 119 -4.34 -10.74 -1.58
N HIS B 120 -5.62 -10.54 -1.87
CA HIS B 120 -6.31 -9.31 -1.47
C HIS B 120 -6.84 -9.44 -0.05
N GLY B 121 -6.32 -10.40 0.70
CA GLY B 121 -6.78 -10.62 2.06
C GLY B 121 -7.01 -12.09 2.39
N ALA B 122 -7.46 -12.34 3.62
CA ALA B 122 -7.72 -13.70 4.08
C ALA B 122 -8.98 -14.27 3.42
N ARG B 123 -9.93 -13.40 3.10
CA ARG B 123 -11.11 -13.77 2.34
C ARG B 123 -10.72 -14.52 1.08
N GLU B 124 -9.99 -13.84 0.20
CA GLU B 124 -9.63 -14.37 -1.11
C GLU B 124 -8.79 -15.64 -0.98
N GLY B 125 -7.96 -15.71 0.04
CA GLY B 125 -7.13 -16.88 0.27
C GLY B 125 -7.98 -18.10 0.55
N LYS B 126 -9.06 -17.93 1.31
CA LYS B 126 -9.97 -19.00 1.62
C LYS B 126 -10.70 -19.43 0.36
N PHE B 127 -11.27 -18.46 -0.34
CA PHE B 127 -12.02 -18.73 -1.55
C PHE B 127 -11.17 -19.45 -2.57
N ILE B 128 -9.90 -19.08 -2.67
CA ILE B 128 -8.98 -19.70 -3.61
C ILE B 128 -8.82 -21.19 -3.36
N VAL B 129 -8.55 -21.58 -2.13
CA VAL B 129 -8.36 -22.99 -1.82
C VAL B 129 -9.70 -23.75 -1.89
N MET B 130 -10.79 -23.07 -1.53
CA MET B 130 -12.12 -23.67 -1.63
C MET B 130 -12.49 -23.90 -3.09
N HIS B 131 -11.90 -23.11 -3.97
CA HIS B 131 -12.26 -23.14 -5.38
C HIS B 131 -11.35 -24.07 -6.18
N ALA B 132 -10.13 -24.24 -5.71
CA ALA B 132 -9.13 -24.99 -6.46
C ALA B 132 -8.80 -26.36 -5.86
N ILE B 133 -9.27 -26.61 -4.64
CA ILE B 133 -8.99 -27.88 -3.98
C ILE B 133 -10.25 -28.70 -3.84
N CYS B 134 -11.29 -28.10 -3.28
CA CYS B 134 -12.59 -28.73 -3.17
C CYS B 134 -13.28 -28.80 -4.52
N LYS B 135 -14.11 -29.82 -4.70
CA LYS B 135 -15.00 -29.89 -5.85
C LYS B 135 -16.40 -29.49 -5.38
N GLU B 136 -17.19 -28.91 -6.28
CA GLU B 136 -18.47 -28.31 -5.89
C GLU B 136 -19.40 -29.30 -5.18
N GLY B 137 -20.05 -28.83 -4.13
CA GLY B 137 -20.93 -29.68 -3.36
C GLY B 137 -20.26 -30.28 -2.14
N ASP B 138 -18.93 -30.22 -2.09
CA ASP B 138 -18.19 -30.72 -0.95
C ASP B 138 -18.57 -30.00 0.35
N TYR B 139 -18.25 -30.62 1.46
CA TYR B 139 -18.52 -30.01 2.75
C TYR B 139 -17.25 -29.42 3.33
N VAL B 140 -17.36 -28.19 3.82
CA VAL B 140 -16.27 -27.56 4.57
C VAL B 140 -16.56 -27.70 6.05
N VAL B 141 -15.64 -28.32 6.78
CA VAL B 141 -15.82 -28.49 8.22
C VAL B 141 -15.04 -27.41 8.97
N LEU B 142 -15.77 -26.55 9.67
CA LEU B 142 -15.17 -25.41 10.38
C LEU B 142 -15.75 -25.24 11.78
N ASP B 143 -15.06 -24.49 12.62
CA ASP B 143 -15.54 -24.22 13.98
C ASP B 143 -16.73 -23.27 13.96
N LYS B 144 -17.50 -23.27 15.05
CA LYS B 144 -18.68 -22.41 15.14
C LYS B 144 -18.33 -20.95 15.37
N ASN B 145 -17.06 -20.69 15.70
CA ASN B 145 -16.59 -19.33 15.91
C ASN B 145 -16.03 -18.70 14.64
N ALA B 146 -16.21 -19.38 13.52
CA ALA B 146 -15.59 -18.96 12.26
C ALA B 146 -16.10 -17.60 11.79
N HIS B 147 -15.20 -16.85 11.17
CA HIS B 147 -15.51 -15.54 10.61
C HIS B 147 -16.48 -15.68 9.46
N TYR B 148 -17.40 -14.73 9.32
CA TYR B 148 -18.46 -14.80 8.32
C TYR B 148 -17.92 -15.04 6.91
N THR B 149 -16.71 -14.56 6.66
CA THR B 149 -16.10 -14.71 5.34
C THR B 149 -15.78 -16.17 5.03
N SER B 150 -15.69 -17.01 6.05
CA SER B 150 -15.49 -18.43 5.82
C SER B 150 -16.77 -19.03 5.25
N TYR B 151 -17.90 -18.56 5.77
CA TYR B 151 -19.20 -18.99 5.27
C TYR B 151 -19.48 -18.45 3.87
N VAL B 152 -19.23 -17.16 3.68
CA VAL B 152 -19.53 -16.50 2.41
C VAL B 152 -18.63 -17.04 1.29
N ALA B 153 -17.37 -17.32 1.60
CA ALA B 153 -16.46 -17.85 0.61
C ALA B 153 -16.86 -19.27 0.21
N ALA B 154 -17.38 -20.03 1.16
CA ALA B 154 -17.84 -21.39 0.89
C ALA B 154 -19.06 -21.38 -0.03
N GLU B 155 -20.01 -20.50 0.27
CA GLU B 155 -21.18 -20.33 -0.56
C GLU B 155 -20.77 -19.90 -1.97
N ARG B 156 -19.74 -19.08 -2.07
CA ARG B 156 -19.26 -18.63 -3.37
C ARG B 156 -18.58 -19.77 -4.12
N ALA B 157 -17.91 -20.65 -3.39
CA ALA B 157 -17.26 -21.80 -4.00
C ALA B 157 -18.27 -22.94 -4.14
N LYS B 158 -19.54 -22.63 -3.89
CA LYS B 158 -20.62 -23.61 -3.99
C LYS B 158 -20.31 -24.84 -3.17
N LEU B 159 -19.92 -24.63 -1.92
CA LEU B 159 -19.61 -25.71 -1.00
C LEU B 159 -20.59 -25.72 0.15
N ASN B 160 -20.74 -26.87 0.78
CA ASN B 160 -21.59 -27.00 1.96
C ASN B 160 -20.76 -26.84 3.22
N VAL B 161 -21.41 -26.49 4.32
CA VAL B 161 -20.70 -26.17 5.56
C VAL B 161 -21.31 -26.83 6.79
N ALA B 162 -20.44 -27.47 7.58
CA ALA B 162 -20.85 -28.01 8.87
C ALA B 162 -20.00 -27.41 9.99
N GLU B 163 -20.64 -27.12 11.11
CA GLU B 163 -19.97 -26.44 12.22
C GLU B 163 -19.55 -27.39 13.34
N VAL B 164 -18.29 -27.28 13.75
CA VAL B 164 -17.80 -27.97 14.95
C VAL B 164 -18.12 -27.12 16.17
N GLY B 165 -18.80 -27.71 17.15
CA GLY B 165 -19.36 -26.95 18.25
C GLY B 165 -18.44 -26.65 19.41
N TYR B 166 -19.03 -26.10 20.47
CA TYR B 166 -18.29 -25.67 21.64
C TYR B 166 -17.97 -26.80 22.62
N GLU B 167 -16.78 -26.71 23.20
CA GLU B 167 -16.41 -27.50 24.37
C GLU B 167 -17.14 -26.92 25.57
N GLU B 168 -17.48 -25.65 25.44
CA GLU B 168 -18.30 -24.91 26.39
C GLU B 168 -18.72 -23.61 25.74
N GLU B 169 -20.00 -23.25 25.86
CA GLU B 169 -20.44 -21.97 25.32
C GLU B 169 -20.17 -20.88 26.35
N TYR B 170 -21.21 -20.29 26.93
CA TYR B 170 -21.02 -19.20 27.90
C TYR B 170 -20.21 -19.67 29.10
N PRO B 171 -19.24 -18.84 29.55
CA PRO B 171 -18.87 -17.56 28.92
C PRO B 171 -17.59 -17.64 28.08
N THR B 172 -16.90 -18.77 28.13
CA THR B 172 -15.64 -18.92 27.42
C THR B 172 -15.83 -19.12 25.91
N TYR B 173 -16.92 -19.77 25.51
CA TYR B 173 -17.17 -20.08 24.10
C TYR B 173 -15.98 -20.76 23.44
N LYS B 174 -15.43 -21.76 24.12
CA LYS B 174 -14.29 -22.52 23.62
C LYS B 174 -14.71 -23.66 22.69
N ILE B 175 -14.02 -23.78 21.56
CA ILE B 175 -14.30 -24.81 20.57
C ILE B 175 -13.82 -26.19 21.00
N ASN B 176 -14.68 -27.19 20.82
CA ASN B 176 -14.29 -28.59 21.00
C ASN B 176 -13.51 -29.07 19.78
N LEU B 177 -12.18 -28.93 19.85
CA LEU B 177 -11.34 -29.29 18.70
C LEU B 177 -11.43 -30.78 18.37
N GLU B 178 -11.67 -31.58 19.40
CA GLU B 178 -11.79 -33.03 19.22
C GLU B 178 -13.09 -33.37 18.51
N GLY B 179 -14.04 -32.43 18.56
CA GLY B 179 -15.32 -32.61 17.91
C GLY B 179 -15.25 -32.60 16.39
N TYR B 180 -14.09 -32.27 15.85
CA TYR B 180 -13.89 -32.28 14.41
C TYR B 180 -14.04 -33.69 13.85
N LYS B 181 -13.59 -34.68 14.61
CA LYS B 181 -13.69 -36.07 14.19
C LYS B 181 -15.15 -36.52 14.04
N GLU B 182 -15.97 -36.26 15.04
CA GLU B 182 -17.36 -36.71 15.03
C GLU B 182 -18.15 -36.11 13.88
N VAL B 183 -17.92 -34.83 13.59
CA VAL B 183 -18.61 -34.16 12.50
C VAL B 183 -18.24 -34.77 11.14
N ILE B 184 -16.94 -34.95 10.93
CA ILE B 184 -16.45 -35.57 9.70
C ILE B 184 -17.05 -36.96 9.49
N ASP B 185 -16.97 -37.80 10.52
CA ASP B 185 -17.50 -39.15 10.43
C ASP B 185 -19.01 -39.13 10.23
N ASN B 186 -19.68 -38.23 10.93
CA ASN B 186 -21.11 -38.00 10.75
C ASN B 186 -21.44 -37.73 9.28
N LEU B 187 -20.54 -37.01 8.61
CA LEU B 187 -20.76 -36.63 7.22
C LEU B 187 -20.34 -37.73 6.24
N GLU B 188 -19.22 -38.39 6.54
CA GLU B 188 -18.76 -39.49 5.70
C GLU B 188 -19.72 -40.69 5.75
N ASP B 189 -20.36 -40.88 6.91
CA ASP B 189 -21.33 -41.95 7.07
C ASP B 189 -22.60 -41.71 6.27
N LYS B 190 -22.88 -40.45 5.95
CA LYS B 190 -24.07 -40.11 5.19
C LYS B 190 -23.76 -39.96 3.70
N GLY B 191 -22.59 -40.43 3.28
CA GLY B 191 -22.22 -40.41 1.87
C GLY B 191 -21.73 -39.06 1.39
N LYS B 192 -21.79 -38.06 2.26
CA LYS B 192 -21.29 -36.73 1.95
C LYS B 192 -19.75 -36.72 1.93
N ASN B 193 -19.18 -35.85 1.09
CA ASN B 193 -17.74 -35.71 1.04
C ASN B 193 -17.26 -34.45 1.76
N VAL B 194 -16.13 -34.56 2.46
CA VAL B 194 -15.51 -33.42 3.12
C VAL B 194 -14.25 -33.03 2.37
N GLY B 195 -14.30 -31.87 1.72
CA GLY B 195 -13.19 -31.41 0.90
C GLY B 195 -12.16 -30.62 1.69
N LEU B 196 -12.59 -29.98 2.77
CA LEU B 196 -11.70 -29.10 3.52
C LEU B 196 -12.04 -29.01 5.01
N ILE B 197 -11.00 -29.09 5.83
CA ILE B 197 -11.11 -28.80 7.25
C ILE B 197 -10.55 -27.41 7.56
N LEU B 198 -11.35 -26.59 8.22
CA LEU B 198 -10.99 -25.19 8.48
C LEU B 198 -11.03 -24.85 9.96
N LEU B 199 -9.97 -24.25 10.47
CA LEU B 199 -9.92 -23.81 11.86
C LEU B 199 -9.59 -22.32 11.98
N THR B 200 -10.52 -21.56 12.54
CA THR B 200 -10.27 -20.15 12.84
C THR B 200 -9.31 -20.10 14.02
N HIS B 201 -8.03 -19.83 13.73
CA HIS B 201 -6.98 -19.92 14.73
C HIS B 201 -7.25 -19.02 15.95
N VAL B 202 -7.69 -17.80 15.68
CA VAL B 202 -8.26 -16.94 16.71
C VAL B 202 -9.55 -16.34 16.14
N ASP B 203 -10.69 -16.60 16.78
CA ASP B 203 -11.94 -16.03 16.33
C ASP B 203 -11.97 -14.54 16.58
N GLY B 204 -12.83 -13.84 15.85
CA GLY B 204 -12.91 -12.39 15.94
C GLY B 204 -14.04 -11.89 16.81
N GLU B 205 -14.64 -12.78 17.59
CA GLU B 205 -15.69 -12.37 18.50
C GLU B 205 -15.23 -12.44 19.95
N TYR B 206 -14.35 -13.39 20.24
CA TYR B 206 -13.91 -13.60 21.61
C TYR B 206 -12.39 -13.57 21.72
N GLY B 207 -11.71 -13.79 20.60
CA GLY B 207 -10.26 -13.76 20.59
C GLY B 207 -9.65 -14.95 21.32
N ASN B 208 -10.28 -16.11 21.16
CA ASN B 208 -9.76 -17.35 21.74
C ASN B 208 -8.74 -18.01 20.83
N LEU B 209 -7.57 -18.29 21.37
CA LEU B 209 -6.56 -19.07 20.66
C LEU B 209 -6.97 -20.55 20.68
N ASN B 210 -6.51 -21.30 19.69
CA ASN B 210 -6.86 -22.72 19.59
C ASN B 210 -5.62 -23.56 19.28
N ASP B 211 -5.55 -24.75 19.87
CA ASP B 211 -4.43 -25.64 19.63
C ASP B 211 -4.53 -26.28 18.25
N ALA B 212 -3.97 -25.59 17.26
CA ALA B 212 -4.12 -25.97 15.86
C ALA B 212 -3.56 -27.36 15.54
N LYS B 213 -2.60 -27.82 16.33
CA LYS B 213 -1.94 -29.08 16.05
C LYS B 213 -2.90 -30.25 16.16
N LYS B 214 -3.84 -30.15 17.09
CA LYS B 214 -4.81 -31.22 17.32
C LYS B 214 -5.73 -31.40 16.11
N VAL B 215 -6.24 -30.29 15.58
CA VAL B 215 -7.08 -30.35 14.40
C VAL B 215 -6.24 -30.79 13.20
N GLY B 216 -4.96 -30.45 13.24
CA GLY B 216 -4.03 -30.89 12.22
C GLY B 216 -3.86 -32.40 12.24
N LYS B 217 -3.76 -32.96 13.44
CA LYS B 217 -3.56 -34.40 13.58
C LYS B 217 -4.82 -35.20 13.21
N ILE B 218 -5.98 -34.66 13.55
CA ILE B 218 -7.24 -35.23 13.09
C ILE B 218 -7.32 -35.24 11.58
N ALA B 219 -6.93 -34.13 10.95
CA ALA B 219 -6.99 -33.98 9.51
C ALA B 219 -6.01 -34.89 8.79
N LYS B 220 -4.86 -35.13 9.41
CA LYS B 220 -3.80 -35.92 8.78
C LYS B 220 -4.23 -37.37 8.53
N GLU B 221 -4.68 -38.05 9.58
CA GLU B 221 -5.03 -39.46 9.48
C GLU B 221 -6.41 -39.66 8.87
N LYS B 222 -7.20 -38.59 8.82
CA LYS B 222 -8.51 -38.69 8.17
C LYS B 222 -8.41 -38.18 6.73
N GLY B 223 -7.17 -37.92 6.30
CA GLY B 223 -6.87 -37.60 4.91
C GLY B 223 -7.64 -36.47 4.28
N ILE B 224 -7.91 -35.42 5.05
CA ILE B 224 -8.63 -34.25 4.53
C ILE B 224 -7.78 -32.99 4.67
N PRO B 225 -7.68 -32.21 3.58
CA PRO B 225 -6.92 -30.95 3.58
C PRO B 225 -7.31 -30.00 4.71
N PHE B 226 -6.30 -29.40 5.35
CA PHE B 226 -6.50 -28.55 6.51
C PHE B 226 -6.04 -27.11 6.24
N LEU B 227 -7.01 -26.19 6.28
CA LEU B 227 -6.72 -24.76 6.18
C LEU B 227 -6.85 -24.08 7.54
N LEU B 228 -5.75 -23.50 8.00
CA LEU B 228 -5.76 -22.75 9.26
C LEU B 228 -5.92 -21.26 8.98
N ASN B 229 -7.05 -20.70 9.41
CA ASN B 229 -7.29 -19.27 9.24
C ASN B 229 -6.48 -18.45 10.22
N CYS B 230 -5.30 -18.02 9.78
CA CYS B 230 -4.40 -17.27 10.64
C CYS B 230 -4.58 -15.77 10.53
N ALA B 231 -5.75 -15.35 10.05
CA ALA B 231 -6.17 -13.98 10.27
C ALA B 231 -6.18 -13.81 11.77
N TYR B 232 -5.61 -12.70 12.25
CA TYR B 232 -5.51 -12.38 13.68
C TYR B 232 -4.44 -13.15 14.46
N THR B 233 -3.67 -14.00 13.79
CA THR B 233 -2.51 -14.58 14.49
C THR B 233 -1.19 -14.28 13.78
N VAL B 234 -1.15 -14.46 12.47
CA VAL B 234 0.08 -14.21 11.73
C VAL B 234 0.39 -12.72 11.73
N GLY B 235 1.54 -12.36 12.28
CA GLY B 235 1.93 -10.98 12.41
C GLY B 235 1.76 -10.44 13.81
N ARG B 236 1.11 -11.21 14.69
CA ARG B 236 1.01 -10.86 16.11
C ARG B 236 1.82 -11.83 16.96
N MET B 237 1.52 -13.11 16.79
CA MET B 237 2.24 -14.18 17.48
C MET B 237 2.93 -15.05 16.44
N PRO B 238 3.99 -15.77 16.85
CA PRO B 238 4.66 -16.69 15.92
C PRO B 238 3.76 -17.87 15.54
N VAL B 239 3.89 -18.34 14.31
CA VAL B 239 3.07 -19.44 13.81
C VAL B 239 3.88 -20.41 12.96
N ASN B 240 3.90 -21.68 13.36
CA ASN B 240 4.58 -22.72 12.59
C ASN B 240 3.56 -23.62 11.91
N GLY B 241 3.47 -23.49 10.59
CA GLY B 241 2.48 -24.23 9.82
C GLY B 241 2.70 -25.73 9.77
N LYS B 242 3.96 -26.16 9.65
CA LYS B 242 4.26 -27.58 9.56
C LYS B 242 4.05 -28.30 10.89
N GLU B 243 4.37 -27.64 11.99
CA GLU B 243 4.21 -28.27 13.31
C GLU B 243 2.73 -28.50 13.62
N VAL B 244 1.88 -27.56 13.22
CA VAL B 244 0.44 -27.75 13.36
C VAL B 244 -0.09 -28.55 12.18
N LYS B 245 0.82 -29.03 11.34
CA LYS B 245 0.49 -29.88 10.19
C LYS B 245 -0.56 -29.25 9.29
N ALA B 246 -0.49 -27.93 9.16
CA ALA B 246 -1.41 -27.21 8.30
C ALA B 246 -1.03 -27.39 6.83
N ASP B 247 -2.04 -27.57 5.99
CA ASP B 247 -1.82 -27.69 4.55
C ASP B 247 -1.85 -26.30 3.93
N PHE B 248 -2.78 -25.49 4.43
CA PHE B 248 -2.91 -24.11 3.98
C PHE B 248 -2.93 -23.16 5.16
N ILE B 249 -2.40 -21.96 4.95
CA ILE B 249 -2.50 -20.87 5.91
C ILE B 249 -2.87 -19.58 5.19
N VAL B 250 -3.93 -18.93 5.65
CA VAL B 250 -4.25 -17.61 5.16
C VAL B 250 -3.90 -16.56 6.21
N ALA B 251 -3.28 -15.48 5.77
CA ALA B 251 -2.92 -14.38 6.66
C ALA B 251 -3.57 -13.09 6.17
N SER B 252 -3.85 -12.20 7.11
CA SER B 252 -4.40 -10.89 6.76
C SER B 252 -3.39 -9.79 7.00
N GLY B 253 -3.00 -9.09 5.94
CA GLY B 253 -2.01 -8.03 6.05
C GLY B 253 -2.54 -6.82 6.80
N HIS B 254 -3.74 -6.40 6.47
CA HIS B 254 -4.30 -5.17 7.04
C HIS B 254 -4.84 -5.38 8.44
N1 LLP B 255 -10.96 -14.22 9.50
C2 LLP B 255 -11.02 -13.55 10.66
C2' LLP B 255 -11.02 -14.34 12.01
C3 LLP B 255 -11.07 -12.12 10.66
O3 LLP B 255 -11.13 -11.39 11.86
C4 LLP B 255 -11.07 -11.44 9.47
C4' LLP B 255 -11.13 -9.83 9.47
C5 LLP B 255 -11.01 -12.12 8.29
C6 LLP B 255 -10.96 -13.52 8.28
C5' LLP B 255 -11.01 -11.32 6.96
OP4 LLP B 255 -9.66 -11.24 6.56
P LLP B 255 -9.29 -10.25 5.43
OP1 LLP B 255 -9.98 -10.68 4.13
OP2 LLP B 255 -9.78 -8.90 5.81
OP3 LLP B 255 -7.82 -10.25 5.21
N LLP B 255 -5.05 -6.63 8.82
CA LLP B 255 -5.61 -6.92 10.14
CB LLP B 255 -6.46 -8.16 10.04
CG LLP B 255 -7.03 -8.55 11.41
CD LLP B 255 -8.50 -8.15 11.50
CE LLP B 255 -9.24 -8.65 10.25
NZ LLP B 255 -10.47 -9.34 10.64
C LLP B 255 -4.51 -7.11 11.14
O LLP B 255 -4.60 -6.63 12.25
N SER B 256 -3.45 -7.80 10.72
CA SER B 256 -2.43 -8.23 11.68
C SER B 256 -1.01 -8.21 11.16
N MET B 257 -0.78 -7.57 10.01
CA MET B 257 0.59 -7.46 9.52
C MET B 257 0.95 -6.03 9.16
N ALA B 258 0.32 -5.08 9.84
CA ALA B 258 0.67 -3.66 9.73
C ALA B 258 0.74 -3.16 8.29
N ALA B 259 -0.18 -3.62 7.45
CA ALA B 259 -0.21 -3.21 6.04
C ALA B 259 -1.51 -2.53 5.68
N SER B 260 -1.55 -1.89 4.52
CA SER B 260 -2.78 -1.25 4.05
C SER B 260 -3.70 -2.29 3.42
N ALA B 261 -5.00 -2.09 3.58
CA ALA B 261 -5.99 -2.94 2.93
C ALA B 261 -6.09 -2.61 1.44
N PRO B 262 -6.39 -3.61 0.61
CA PRO B 262 -6.53 -5.01 1.01
C PRO B 262 -5.34 -5.86 0.57
N CYS B 263 -4.72 -6.55 1.51
CA CYS B 263 -3.69 -7.52 1.19
C CYS B 263 -3.69 -8.66 2.20
N GLY B 264 -2.98 -9.73 1.86
CA GLY B 264 -2.96 -10.93 2.67
C GLY B 264 -2.00 -11.93 2.08
N ILE B 265 -1.90 -13.09 2.73
CA ILE B 265 -0.98 -14.13 2.28
C ILE B 265 -1.68 -15.48 2.29
N LEU B 266 -1.44 -16.28 1.26
CA LEU B 266 -1.85 -17.66 1.25
C LEU B 266 -0.59 -18.53 1.22
N ALA B 267 -0.36 -19.27 2.29
CA ALA B 267 0.77 -20.18 2.34
C ALA B 267 0.27 -21.60 2.18
N PHE B 268 1.06 -22.46 1.54
CA PHE B 268 0.62 -23.81 1.25
C PHE B 268 1.78 -24.77 0.97
N SER B 269 1.51 -26.06 1.17
CA SER B 269 2.52 -27.10 0.95
C SER B 269 2.72 -27.39 -0.53
N GLU B 270 3.90 -27.88 -0.87
CA GLU B 270 4.22 -28.27 -2.25
C GLU B 270 3.21 -29.25 -2.82
N GLU B 271 2.62 -30.06 -1.94
CA GLU B 271 1.64 -31.06 -2.33
C GLU B 271 0.46 -30.45 -3.07
N PHE B 272 0.04 -29.26 -2.64
CA PHE B 272 -1.11 -28.61 -3.26
C PHE B 272 -0.72 -27.45 -4.18
N SER B 273 0.57 -27.36 -4.51
CA SER B 273 1.07 -26.27 -5.34
C SER B 273 0.44 -26.27 -6.73
N ASP B 274 0.34 -27.46 -7.34
CA ASP B 274 -0.13 -27.60 -8.71
C ASP B 274 -1.55 -27.08 -8.93
N LYS B 275 -2.38 -27.15 -7.90
CA LYS B 275 -3.76 -26.72 -8.03
C LYS B 275 -3.92 -25.23 -7.70
N ILE B 276 -3.18 -24.77 -6.71
CA ILE B 276 -3.21 -23.37 -6.34
C ILE B 276 -2.57 -22.54 -7.44
N THR B 277 -1.37 -22.94 -7.84
CA THR B 277 -0.61 -22.20 -8.85
C THR B 277 -0.89 -22.69 -10.27
N LYS B 278 -2.06 -23.30 -10.46
CA LYS B 278 -2.43 -23.78 -11.79
C LYS B 278 -2.52 -22.61 -12.77
N THR B 279 -1.91 -22.78 -13.93
CA THR B 279 -1.78 -21.69 -14.88
C THR B 279 -2.89 -21.70 -15.93
N SER B 280 -3.13 -20.54 -16.54
CA SER B 280 -4.03 -20.45 -17.67
C SER B 280 -3.44 -21.21 -18.84
N GLU B 281 -4.30 -21.79 -19.67
CA GLU B 281 -3.81 -22.61 -20.77
C GLU B 281 -3.36 -21.74 -21.94
N LYS B 282 -4.12 -20.71 -22.27
CA LYS B 282 -3.70 -19.78 -23.32
C LYS B 282 -2.47 -18.99 -22.87
N PHE B 283 -2.38 -18.73 -21.58
CA PHE B 283 -1.24 -18.00 -21.04
C PHE B 283 -0.54 -18.80 -19.94
N PRO B 284 0.49 -19.57 -20.33
CA PRO B 284 1.20 -20.55 -19.49
C PRO B 284 1.82 -19.98 -18.21
N VAL B 285 2.02 -18.66 -18.14
CA VAL B 285 2.69 -18.08 -16.98
C VAL B 285 1.69 -17.58 -15.94
N LYS B 286 0.57 -17.07 -16.40
CA LYS B 286 -0.43 -16.47 -15.51
C LYS B 286 -1.21 -17.51 -14.72
N GLU B 287 -1.21 -17.37 -13.40
CA GLU B 287 -1.92 -18.31 -12.52
C GLU B 287 -3.38 -17.92 -12.39
N ILE B 288 -4.26 -18.90 -12.59
CA ILE B 288 -5.69 -18.68 -12.73
C ILE B 288 -6.35 -18.12 -11.47
N GLU B 289 -5.99 -18.66 -10.32
CA GLU B 289 -6.62 -18.23 -9.07
C GLU B 289 -6.19 -16.82 -8.68
N MET B 290 -5.05 -16.37 -9.21
CA MET B 290 -4.60 -15.00 -9.03
C MET B 290 -5.31 -14.05 -9.98
N LEU B 291 -6.09 -14.62 -10.90
CA LEU B 291 -6.50 -13.93 -12.12
C LEU B 291 -5.26 -13.39 -12.80
N GLY B 292 -4.17 -14.16 -12.69
CA GLY B 292 -2.89 -13.83 -13.28
C GLY B 292 -2.25 -12.57 -12.72
N CYS B 293 -2.88 -11.99 -11.70
CA CYS B 293 -2.54 -10.62 -11.31
C CYS B 293 -1.14 -10.49 -10.73
N THR B 294 -0.42 -9.51 -11.27
CA THR B 294 0.83 -9.03 -10.70
C THR B 294 0.59 -8.42 -9.31
N SER B 295 -0.12 -9.16 -8.44
CA SER B 295 -0.77 -8.63 -7.22
C SER B 295 -0.24 -7.28 -6.80
N ARG B 296 -1.05 -6.27 -7.09
CA ARG B 296 -0.54 -4.98 -7.51
C ARG B 296 -0.49 -3.87 -6.47
N GLY B 297 0.26 -2.84 -6.81
CA GLY B 297 0.23 -1.57 -6.09
C GLY B 297 0.53 -1.55 -4.61
N LEU B 298 -0.15 -0.63 -3.94
CA LEU B 298 0.26 -0.11 -2.64
C LEU B 298 0.29 -1.12 -1.46
N PRO B 299 -0.78 -1.92 -1.27
CA PRO B 299 -0.80 -2.76 -0.07
C PRO B 299 0.37 -3.76 0.04
N ILE B 300 0.78 -4.34 -1.08
CA ILE B 300 1.87 -5.32 -1.02
C ILE B 300 3.19 -4.61 -0.70
N VAL B 301 3.28 -3.34 -1.10
CA VAL B 301 4.46 -2.55 -0.81
C VAL B 301 4.55 -2.23 0.69
N THR B 302 3.41 -1.91 1.30
CA THR B 302 3.37 -1.68 2.73
C THR B 302 3.67 -2.97 3.49
N LEU B 303 3.19 -4.10 2.95
CA LEU B 303 3.40 -5.40 3.57
C LEU B 303 4.89 -5.76 3.61
N MET B 304 5.59 -5.51 2.52
CA MET B 304 7.03 -5.73 2.45
C MET B 304 7.79 -4.73 3.35
N ALA B 305 7.26 -3.51 3.43
CA ALA B 305 7.91 -2.47 4.22
C ALA B 305 7.71 -2.68 5.72
N SER B 306 6.51 -3.09 6.12
CA SER B 306 6.22 -3.35 7.53
C SER B 306 6.77 -4.69 8.00
N PHE B 307 7.32 -5.46 7.08
CA PHE B 307 7.71 -6.84 7.39
C PHE B 307 8.78 -6.94 8.48
N PRO B 308 9.88 -6.15 8.39
CA PRO B 308 10.86 -6.24 9.50
C PRO B 308 10.27 -5.82 10.85
N HIS B 309 9.42 -4.80 10.85
CA HIS B 309 8.73 -4.39 12.07
C HIS B 309 7.81 -5.50 12.58
N VAL B 310 7.23 -6.27 11.67
CA VAL B 310 6.32 -7.34 12.05
C VAL B 310 7.08 -8.54 12.63
N VAL B 311 8.16 -8.94 11.98
CA VAL B 311 9.03 -10.01 12.48
C VAL B 311 9.50 -9.75 13.90
N GLU B 312 9.83 -8.49 14.19
CA GLU B 312 10.36 -8.14 15.51
C GLU B 312 9.26 -8.03 16.56
N ARG B 313 8.03 -7.77 16.13
CA ARG B 313 6.96 -7.56 17.10
C ARG B 313 6.29 -8.86 17.52
N VAL B 314 6.45 -9.92 16.72
CA VAL B 314 5.92 -11.22 17.13
C VAL B 314 6.84 -11.84 18.18
N LYS B 315 8.09 -11.42 18.21
CA LYS B 315 9.03 -11.83 19.25
C LYS B 315 8.68 -11.16 20.58
N LYS B 316 7.82 -10.15 20.52
CA LYS B 316 7.44 -9.38 21.70
C LYS B 316 5.96 -9.49 21.97
N TRP B 317 5.37 -10.59 21.50
CA TRP B 317 3.94 -10.84 21.65
C TRP B 317 3.51 -10.88 23.11
N ASP B 318 4.43 -11.29 23.99
CA ASP B 318 4.10 -11.38 25.42
C ASP B 318 3.86 -10.01 26.02
N GLU B 319 4.56 -8.99 25.52
CA GLU B 319 4.39 -7.63 26.03
C GLU B 319 3.00 -7.09 25.71
N GLU B 320 2.45 -7.46 24.56
CA GLU B 320 1.12 -7.02 24.18
C GLU B 320 0.05 -7.77 24.99
N LEU B 321 0.33 -9.03 25.31
CA LEU B 321 -0.56 -9.79 26.19
C LEU B 321 -0.59 -9.16 27.58
N LYS B 322 0.58 -8.72 28.03
CA LYS B 322 0.69 -8.01 29.30
C LYS B 322 -0.18 -6.75 29.33
N LYS B 323 -0.18 -6.00 28.22
CA LYS B 323 -1.03 -4.83 28.12
C LYS B 323 -2.48 -5.23 28.18
N THR B 324 -2.78 -6.34 27.49
CA THR B 324 -4.14 -6.86 27.40
C THR B 324 -4.66 -7.29 28.77
N ARG B 325 -3.86 -8.11 29.46
CA ARG B 325 -4.27 -8.64 30.75
C ARG B 325 -4.36 -7.55 31.80
N TYR B 326 -3.52 -6.52 31.67
CA TYR B 326 -3.62 -5.35 32.54
C TYR B 326 -4.99 -4.70 32.41
N VAL B 327 -5.47 -4.59 31.17
CA VAL B 327 -6.78 -4.01 30.90
C VAL B 327 -7.90 -4.85 31.48
N VAL B 328 -7.84 -6.16 31.25
CA VAL B 328 -8.87 -7.07 31.77
C VAL B 328 -8.92 -7.03 33.30
N ASP B 329 -7.79 -7.22 33.95
CA ASP B 329 -7.72 -7.24 35.41
C ASP B 329 -8.24 -5.94 36.00
N GLU B 330 -8.03 -4.84 35.27
CA GLU B 330 -8.33 -3.52 35.79
C GLU B 330 -9.79 -3.13 35.59
N LEU B 331 -10.35 -3.45 34.43
CA LEU B 331 -11.73 -3.09 34.15
C LEU B 331 -12.74 -4.02 34.82
N GLU B 332 -12.28 -5.19 35.25
CA GLU B 332 -13.13 -6.07 36.04
C GLU B 332 -13.45 -5.44 37.39
N LYS B 333 -12.58 -4.55 37.85
CA LYS B 333 -12.76 -3.87 39.13
C LYS B 333 -13.97 -2.95 39.13
N ILE B 334 -14.39 -2.50 37.95
CA ILE B 334 -15.55 -1.61 37.85
C ILE B 334 -16.78 -2.33 37.32
N GLY B 335 -16.63 -3.63 37.08
CA GLY B 335 -17.77 -4.44 36.70
C GLY B 335 -17.82 -4.93 35.26
N PHE B 336 -16.67 -4.98 34.60
CA PHE B 336 -16.59 -5.56 33.27
C PHE B 336 -16.20 -7.02 33.39
N LYS B 337 -16.97 -7.91 32.80
CA LYS B 337 -16.64 -9.33 32.82
C LYS B 337 -16.01 -9.75 31.51
N GLN B 338 -14.76 -10.19 31.56
CA GLN B 338 -14.11 -10.69 30.36
C GLN B 338 -14.81 -11.95 29.89
N LEU B 339 -15.20 -11.97 28.62
CA LEU B 339 -15.76 -13.18 28.03
C LEU B 339 -14.64 -13.96 27.37
N GLY B 340 -14.92 -15.20 27.02
CA GLY B 340 -13.93 -16.03 26.36
C GLY B 340 -13.00 -16.70 27.35
N ILE B 341 -12.04 -17.44 26.81
CA ILE B 341 -11.03 -18.13 27.60
C ILE B 341 -10.20 -17.18 28.48
N LYS B 342 -10.13 -17.48 29.77
CA LYS B 342 -9.25 -16.78 30.70
C LYS B 342 -8.04 -17.66 31.06
N PRO B 343 -6.84 -17.06 31.11
CA PRO B 343 -6.55 -15.66 30.79
C PRO B 343 -6.37 -15.43 29.29
N LYS B 344 -6.41 -14.18 28.87
CA LYS B 344 -6.27 -13.85 27.45
C LYS B 344 -4.94 -14.32 26.88
N GLU B 345 -5.00 -15.07 25.78
CA GLU B 345 -3.81 -15.40 25.02
C GLU B 345 -3.89 -14.69 23.67
N HIS B 346 -4.70 -13.64 23.64
CA HIS B 346 -4.82 -12.76 22.49
C HIS B 346 -5.25 -11.38 22.97
N ASP B 347 -5.08 -10.37 22.13
CA ASP B 347 -5.34 -8.98 22.52
C ASP B 347 -6.79 -8.54 22.33
N LEU B 348 -7.57 -9.32 21.59
CA LEU B 348 -8.97 -8.97 21.38
C LEU B 348 -9.76 -9.30 22.63
N ILE B 349 -10.32 -8.28 23.27
CA ILE B 349 -11.09 -8.49 24.49
C ILE B 349 -12.58 -8.23 24.27
N LYS B 350 -13.41 -9.16 24.72
CA LYS B 350 -14.86 -8.92 24.75
C LYS B 350 -15.38 -8.91 26.19
N PHE B 351 -15.85 -7.75 26.63
CA PHE B 351 -16.40 -7.59 27.96
C PHE B 351 -17.92 -7.65 27.95
N GLU B 352 -18.49 -8.36 28.93
CA GLU B 352 -19.89 -8.16 29.24
C GLU B 352 -19.96 -6.98 30.19
N THR B 353 -20.73 -5.96 29.82
CA THR B 353 -20.71 -4.71 30.56
C THR B 353 -22.09 -4.28 31.04
N PRO B 354 -22.63 -4.97 32.06
CA PRO B 354 -23.97 -4.67 32.59
C PRO B 354 -24.09 -3.23 33.08
N VAL B 355 -23.03 -2.71 33.69
CA VAL B 355 -23.05 -1.38 34.28
C VAL B 355 -23.32 -0.31 33.21
N LEU B 356 -22.91 -0.57 31.98
CA LEU B 356 -23.15 0.38 30.90
C LEU B 356 -24.63 0.42 30.50
N ASP B 357 -25.33 -0.70 30.65
CA ASP B 357 -26.79 -0.77 30.50
C ASP B 357 -27.45 0.03 31.60
N GLU B 358 -26.96 -0.21 32.81
CA GLU B 358 -27.49 0.42 34.00
C GLU B 358 -27.40 1.92 33.87
N ILE B 359 -26.39 2.40 33.16
CA ILE B 359 -26.24 3.85 32.99
C ILE B 359 -27.05 4.35 31.79
N ALA B 360 -27.07 3.56 30.72
CA ALA B 360 -27.73 3.95 29.49
C ALA B 360 -29.23 4.19 29.69
N LYS B 361 -29.86 3.33 30.47
CA LYS B 361 -31.29 3.43 30.72
C LYS B 361 -31.68 4.66 31.54
N LYS B 362 -30.69 5.36 32.08
CA LYS B 362 -30.96 6.51 32.94
C LYS B 362 -30.41 7.82 32.36
N ASP B 363 -29.64 7.72 31.29
CA ASP B 363 -29.06 8.91 30.68
C ASP B 363 -29.84 9.30 29.43
N LYS B 364 -29.92 10.60 29.17
CA LYS B 364 -30.68 11.09 28.02
C LYS B 364 -30.05 10.64 26.70
N ARG B 365 -28.73 10.48 26.68
CA ARG B 365 -28.04 9.98 25.49
C ARG B 365 -28.38 8.51 25.25
N ARG B 366 -28.85 7.85 26.31
CA ARG B 366 -29.54 6.56 26.21
C ARG B 366 -28.78 5.53 25.36
N GLY B 367 -27.61 5.12 25.82
CA GLY B 367 -26.85 4.09 25.12
C GLY B 367 -25.82 4.63 24.15
N PHE B 368 -26.01 5.87 23.71
CA PHE B 368 -24.98 6.56 22.94
C PHE B 368 -24.00 7.22 23.89
N PHE B 369 -24.40 7.30 25.16
CA PHE B 369 -23.65 8.05 26.16
C PHE B 369 -22.19 7.62 26.25
N PHE B 370 -21.96 6.32 26.15
CA PHE B 370 -20.62 5.77 26.32
C PHE B 370 -19.74 6.20 25.15
N TYR B 371 -20.29 6.10 23.94
CA TYR B 371 -19.60 6.54 22.74
C TYR B 371 -19.26 8.02 22.79
N ASP B 372 -20.20 8.82 23.29
CA ASP B 372 -20.01 10.26 23.34
C ASP B 372 -19.03 10.65 24.44
N GLU B 373 -19.07 9.92 25.55
CA GLU B 373 -18.16 10.17 26.66
C GLU B 373 -16.73 9.78 26.31
N LEU B 374 -16.57 8.83 25.40
CA LEU B 374 -15.26 8.40 24.94
C LEU B 374 -14.65 9.38 23.95
N LYS B 375 -15.48 9.84 23.01
CA LYS B 375 -15.04 10.79 22.00
C LYS B 375 -14.63 12.10 22.67
N LYS B 376 -15.39 12.47 23.70
CA LYS B 376 -15.11 13.67 24.49
C LYS B 376 -13.72 13.58 25.13
N ARG B 377 -13.23 12.36 25.31
CA ARG B 377 -11.91 12.15 25.89
C ARG B 377 -10.94 11.57 24.87
N GLY B 378 -11.27 11.76 23.59
CA GLY B 378 -10.36 11.42 22.51
C GLY B 378 -10.17 9.93 22.27
N ILE B 379 -11.24 9.16 22.50
CA ILE B 379 -11.19 7.73 22.29
C ILE B 379 -12.34 7.26 21.41
N GLY B 380 -12.03 6.36 20.47
CA GLY B 380 -13.06 5.78 19.63
C GLY B 380 -12.74 4.33 19.34
N GLY B 381 -13.51 3.73 18.43
CA GLY B 381 -13.28 2.35 18.04
C GLY B 381 -14.31 1.42 18.62
N ILE B 382 -15.18 1.96 19.47
CA ILE B 382 -16.29 1.20 20.03
C ILE B 382 -17.58 1.58 19.31
N ARG B 383 -18.38 0.59 18.94
CA ARG B 383 -19.64 0.84 18.25
C ARG B 383 -20.58 1.68 19.12
N ALA B 384 -21.16 2.70 18.53
CA ALA B 384 -22.12 3.54 19.24
C ALA B 384 -23.40 2.75 19.51
N GLY B 385 -24.08 3.07 20.61
CA GLY B 385 -25.35 2.46 20.92
C GLY B 385 -25.30 1.15 21.67
N VAL B 386 -24.14 0.49 21.67
CA VAL B 386 -23.99 -0.80 22.33
C VAL B 386 -23.48 -0.64 23.76
N THR B 387 -24.18 -1.22 24.72
CA THR B 387 -23.76 -1.12 26.13
C THR B 387 -23.72 -2.47 26.84
N LYS B 388 -24.40 -3.46 26.28
CA LYS B 388 -24.42 -4.79 26.89
C LYS B 388 -23.05 -5.45 26.78
N GLU B 389 -22.38 -5.19 25.66
CA GLU B 389 -21.04 -5.73 25.40
C GLU B 389 -20.18 -4.63 24.79
N ILE B 390 -18.86 -4.77 24.90
CA ILE B 390 -17.91 -4.01 24.07
C ILE B 390 -16.74 -4.88 23.64
N LYS B 391 -16.25 -4.63 22.43
CA LYS B 391 -15.02 -5.27 21.96
C LYS B 391 -13.92 -4.21 21.82
N MET B 392 -12.74 -4.52 22.35
CA MET B 392 -11.62 -3.60 22.27
C MET B 392 -10.29 -4.33 22.22
N SER B 393 -9.27 -3.61 21.81
CA SER B 393 -7.90 -4.10 21.84
C SER B 393 -6.99 -2.91 22.06
N VAL B 394 -5.94 -3.11 22.87
CA VAL B 394 -4.97 -2.05 23.09
C VAL B 394 -3.66 -2.48 22.48
N TYR B 395 -3.73 -3.48 21.59
CA TYR B 395 -2.56 -3.94 20.88
C TYR B 395 -1.85 -2.79 20.19
N GLY B 396 -0.53 -2.75 20.32
CA GLY B 396 0.26 -1.75 19.63
C GLY B 396 0.29 -0.39 20.29
N LEU B 397 -0.58 -0.19 21.29
CA LEU B 397 -0.57 1.06 22.04
C LEU B 397 0.64 1.18 22.96
N GLU B 398 1.10 2.41 23.17
CA GLU B 398 2.10 2.69 24.19
C GLU B 398 1.47 2.45 25.56
N TRP B 399 2.28 2.09 26.54
CA TRP B 399 1.77 1.82 27.89
C TRP B 399 1.08 3.04 28.51
N GLU B 400 1.56 4.23 28.18
CA GLU B 400 0.91 5.45 28.64
C GLU B 400 -0.49 5.55 28.06
N GLN B 401 -0.62 5.17 26.79
CA GLN B 401 -1.93 5.18 26.14
C GLN B 401 -2.85 4.14 26.77
N VAL B 402 -2.27 2.99 27.14
CA VAL B 402 -3.03 1.95 27.82
C VAL B 402 -3.59 2.45 29.14
N GLU B 403 -2.76 3.09 29.96
CA GLU B 403 -3.22 3.66 31.23
C GLU B 403 -4.30 4.71 30.99
N TYR B 404 -4.08 5.56 29.99
CA TYR B 404 -5.03 6.61 29.67
C TYR B 404 -6.41 6.04 29.39
N VAL B 405 -6.48 5.04 28.51
CA VAL B 405 -7.73 4.40 28.14
C VAL B 405 -8.46 3.81 29.34
N VAL B 406 -7.71 3.05 30.16
CA VAL B 406 -8.28 2.42 31.36
C VAL B 406 -8.84 3.46 32.33
N ASN B 407 -8.05 4.47 32.65
CA ASN B 407 -8.51 5.53 33.54
C ASN B 407 -9.71 6.24 32.97
N ALA B 408 -9.72 6.41 31.65
CA ALA B 408 -10.81 7.07 30.95
C ALA B 408 -12.12 6.35 31.21
N ILE B 409 -12.14 5.05 30.90
CA ILE B 409 -13.32 4.22 31.10
C ILE B 409 -13.79 4.23 32.55
N LYS B 410 -12.86 4.11 33.49
CA LYS B 410 -13.16 4.18 34.92
C LYS B 410 -13.86 5.47 35.29
N GLU B 411 -13.34 6.59 34.80
CA GLU B 411 -13.91 7.89 35.12
C GLU B 411 -15.25 8.11 34.42
N ILE B 412 -15.46 7.40 33.30
CA ILE B 412 -16.75 7.45 32.63
C ILE B 412 -17.82 6.82 33.50
N VAL B 413 -17.60 5.57 33.89
CA VAL B 413 -18.57 4.80 34.67
C VAL B 413 -18.68 5.34 36.09
N GLU B 414 -17.70 6.12 36.51
CA GLU B 414 -17.73 6.77 37.81
C GLU B 414 -18.56 8.05 37.76
N SER B 415 -18.28 8.89 36.78
CA SER B 415 -18.98 10.17 36.65
C SER B 415 -20.45 9.97 36.27
N CYS B 416 -20.72 8.90 35.53
CA CYS B 416 -22.07 8.66 35.04
C CYS B 416 -22.85 7.74 35.95
N LYS B 417 -22.67 7.91 37.26
CA LYS B 417 -23.44 7.16 38.27
C LYS B 417 -23.29 5.65 38.10
N ILE C 37 19.81 27.67 17.08
CA ILE C 37 18.73 26.72 17.35
C ILE C 37 19.23 25.29 17.50
N SER C 38 19.03 24.73 18.69
CA SER C 38 19.39 23.35 18.96
C SER C 38 18.20 22.58 19.52
N TYR C 39 18.05 21.33 19.07
CA TYR C 39 16.95 20.49 19.53
C TYR C 39 17.08 20.23 21.03
N LYS C 40 18.30 20.29 21.54
CA LYS C 40 18.56 20.04 22.95
C LYS C 40 17.88 21.06 23.86
N ASP C 41 17.48 22.19 23.28
CA ASP C 41 16.81 23.23 24.06
C ASP C 41 15.31 22.99 24.15
N ALA C 42 14.84 21.97 23.44
CA ALA C 42 13.40 21.70 23.37
C ALA C 42 12.81 21.49 24.76
N LYS C 43 11.67 22.12 24.98
CA LYS C 43 11.00 22.05 26.26
C LYS C 43 9.66 21.33 26.10
N PRO C 44 9.17 20.73 27.20
CA PRO C 44 7.86 20.07 27.18
C PRO C 44 6.79 20.98 26.59
N GLY C 45 5.93 20.42 25.74
CA GLY C 45 4.90 21.18 25.06
C GLY C 45 3.94 20.29 24.30
N LYS C 46 2.92 20.90 23.73
CA LYS C 46 1.90 20.18 22.99
C LYS C 46 2.10 20.33 21.49
N ILE C 47 1.88 19.25 20.75
CA ILE C 47 1.95 19.31 19.29
C ILE C 47 0.68 19.91 18.71
N ASP C 48 0.84 21.00 17.98
CA ASP C 48 -0.28 21.58 17.26
C ASP C 48 -0.57 20.70 16.04
N VAL C 49 -1.62 19.90 16.13
CA VAL C 49 -1.90 18.86 15.14
C VAL C 49 -2.23 19.45 13.75
N ASN C 50 -3.16 20.38 13.71
CA ASN C 50 -3.53 21.05 12.45
C ASN C 50 -2.34 21.74 11.81
N GLU C 51 -1.52 22.39 12.63
CA GLU C 51 -0.37 23.11 12.14
C GLU C 51 0.64 22.15 11.50
N PHE C 52 0.74 20.95 12.07
CA PHE C 52 1.58 19.91 11.51
C PHE C 52 0.99 19.43 10.20
N LYS C 53 -0.31 19.27 10.21
CA LYS C 53 -1.04 18.83 9.03
C LYS C 53 -0.85 19.77 7.85
N LYS C 54 -1.00 21.07 8.10
CA LYS C 54 -0.80 22.08 7.06
C LYS C 54 0.62 22.00 6.50
N ALA C 55 1.58 21.76 7.37
CA ALA C 55 2.98 21.68 6.96
C ALA C 55 3.20 20.57 5.93
N ILE C 56 2.67 19.38 6.22
CA ILE C 56 2.94 18.24 5.38
C ILE C 56 2.06 18.27 4.12
N TYR C 57 0.89 18.90 4.22
CA TYR C 57 0.07 19.13 3.04
C TYR C 57 0.78 20.01 2.00
N LEU C 58 1.53 20.99 2.49
CA LEU C 58 2.26 21.90 1.62
C LEU C 58 3.40 21.19 0.89
N LEU C 59 4.02 20.23 1.57
CA LEU C 59 5.09 19.48 0.95
C LEU C 59 4.51 18.49 -0.05
N ILE C 60 3.28 18.08 0.21
CA ILE C 60 2.57 17.21 -0.70
C ILE C 60 2.23 17.98 -1.98
N GLU C 61 1.73 19.20 -1.81
CA GLU C 61 1.44 20.08 -2.93
C GLU C 61 2.71 20.37 -3.73
N ALA C 62 3.83 20.49 -3.03
CA ALA C 62 5.09 20.79 -3.70
C ALA C 62 5.61 19.56 -4.44
N ASP C 63 5.18 18.39 -3.98
CA ASP C 63 5.62 17.12 -4.56
C ASP C 63 5.26 17.03 -6.04
N ASP C 64 4.16 17.67 -6.44
CA ASP C 64 3.77 17.78 -7.85
C ASP C 64 4.93 18.20 -8.76
N PHE C 65 5.73 19.16 -8.31
CA PHE C 65 6.83 19.68 -9.14
C PHE C 65 7.86 18.60 -9.43
N LEU C 66 8.04 17.66 -8.50
CA LEU C 66 8.97 16.56 -8.71
C LEU C 66 8.48 15.64 -9.85
N TYR C 67 7.16 15.57 -10.04
CA TYR C 67 6.60 14.83 -11.17
C TYR C 67 6.66 15.65 -12.44
N LYS C 68 5.97 16.80 -12.41
CA LYS C 68 5.79 17.64 -13.60
C LYS C 68 7.08 18.23 -14.19
N LYS C 69 8.17 18.18 -13.43
CA LYS C 69 9.41 18.78 -13.92
C LYS C 69 10.50 17.74 -14.09
N ALA C 70 10.13 16.48 -13.85
CA ALA C 70 11.03 15.36 -14.10
C ALA C 70 11.39 15.34 -15.58
N PRO C 71 12.61 14.92 -15.91
CA PRO C 71 13.64 14.41 -15.00
C PRO C 71 14.65 15.46 -14.49
N LYS C 72 14.78 16.59 -15.16
CA LYS C 72 15.84 17.54 -14.80
C LYS C 72 15.44 18.53 -13.71
N HIS C 73 14.15 18.61 -13.43
CA HIS C 73 13.61 19.44 -12.34
C HIS C 73 14.18 20.86 -12.31
N GLU C 74 14.35 21.45 -13.48
CA GLU C 74 14.80 22.82 -13.57
C GLU C 74 13.59 23.75 -13.66
N LEU C 75 13.48 24.66 -12.70
CA LEU C 75 12.31 25.55 -12.63
C LEU C 75 12.62 26.90 -13.26
N ASN C 76 11.60 27.53 -13.82
CA ASN C 76 11.76 28.89 -14.31
C ASN C 76 11.30 29.85 -13.22
N GLU C 77 11.32 31.15 -13.50
CA GLU C 77 11.05 32.15 -12.48
C GLU C 77 9.63 32.04 -11.91
N GLU C 78 8.64 31.78 -12.77
CA GLU C 78 7.26 31.62 -12.32
C GLU C 78 7.12 30.35 -11.47
N GLU C 79 7.67 29.25 -11.98
CA GLU C 79 7.64 27.98 -11.27
C GLU C 79 8.40 28.06 -9.94
N ALA C 80 9.52 28.79 -9.93
CA ALA C 80 10.32 28.95 -8.73
C ALA C 80 9.53 29.65 -7.63
N LYS C 81 8.86 30.73 -7.98
CA LYS C 81 8.06 31.46 -7.00
C LYS C 81 6.90 30.63 -6.48
N GLU C 82 6.27 29.86 -7.36
CA GLU C 82 5.13 29.04 -6.96
C GLU C 82 5.58 27.94 -6.01
N PHE C 83 6.72 27.34 -6.34
CA PHE C 83 7.28 26.24 -5.57
C PHE C 83 7.81 26.69 -4.21
N CYS C 84 8.63 27.73 -4.22
CA CYS C 84 9.27 28.20 -3.00
C CYS C 84 8.22 28.79 -2.06
N LYS C 85 7.14 29.31 -2.62
CA LYS C 85 6.02 29.79 -1.80
C LYS C 85 5.50 28.67 -0.90
N LEU C 86 5.38 27.48 -1.48
CA LEU C 86 4.96 26.29 -0.73
C LEU C 86 5.96 25.91 0.36
N ILE C 87 7.23 25.87 -0.01
CA ILE C 87 8.29 25.50 0.93
C ILE C 87 8.38 26.46 2.11
N ILE C 88 8.29 27.75 1.83
CA ILE C 88 8.41 28.77 2.87
C ILE C 88 7.21 28.70 3.81
N LYS C 89 6.00 28.63 3.25
CA LYS C 89 4.79 28.50 4.06
C LYS C 89 4.85 27.25 4.95
N CYS C 90 5.48 26.18 4.46
CA CYS C 90 5.68 25.00 5.27
C CYS C 90 6.56 25.34 6.48
N GLN C 91 7.67 26.05 6.23
CA GLN C 91 8.59 26.45 7.29
C GLN C 91 7.95 27.36 8.34
N GLU C 92 6.98 28.16 7.94
CA GLU C 92 6.30 29.02 8.90
C GLU C 92 5.37 28.19 9.79
N HIS C 93 4.78 27.15 9.22
CA HIS C 93 3.95 26.25 10.01
C HIS C 93 4.82 25.44 10.96
N LEU C 94 6.00 25.07 10.51
CA LEU C 94 6.93 24.31 11.34
C LEU C 94 7.44 25.16 12.49
N ASN C 95 7.70 26.44 12.23
CA ASN C 95 8.13 27.34 13.28
C ASN C 95 7.05 27.51 14.36
N LYS C 96 5.79 27.57 13.95
CA LYS C 96 4.69 27.66 14.89
C LYS C 96 4.62 26.42 15.78
N ILE C 97 4.96 25.28 15.20
CA ILE C 97 5.04 24.03 15.95
C ILE C 97 6.16 24.12 16.98
N LEU C 98 7.32 24.58 16.54
CA LEU C 98 8.47 24.74 17.41
C LEU C 98 8.27 25.80 18.49
N ALA C 99 7.34 26.71 18.25
CA ALA C 99 7.02 27.76 19.22
C ALA C 99 6.46 27.16 20.50
N ASN C 100 5.73 26.05 20.37
CA ASN C 100 5.10 25.40 21.51
C ASN C 100 6.08 24.55 22.31
N PHE C 101 7.34 24.52 21.89
CA PHE C 101 8.37 23.81 22.63
C PHE C 101 9.48 24.75 23.06
N GLY C 102 9.12 26.02 23.25
CA GLY C 102 10.04 27.00 23.81
C GLY C 102 10.94 27.71 22.83
N PHE C 103 10.81 27.39 21.54
CA PHE C 103 11.60 28.06 20.52
C PHE C 103 10.92 29.33 20.04
N GLU C 104 11.72 30.33 19.67
CA GLU C 104 11.21 31.59 19.15
C GLU C 104 11.99 32.05 17.93
N ILE D 37 12.33 37.11 4.21
CA ILE D 37 12.33 36.12 3.13
C ILE D 37 10.97 36.05 2.44
N SER D 38 10.96 36.39 1.15
CA SER D 38 9.73 36.41 0.37
C SER D 38 9.82 35.50 -0.85
N TYR D 39 8.74 34.79 -1.16
CA TYR D 39 8.75 33.86 -2.27
C TYR D 39 8.93 34.62 -3.58
N LYS D 40 8.45 35.86 -3.61
CA LYS D 40 8.53 36.70 -4.80
C LYS D 40 9.98 36.91 -5.24
N ASP D 41 10.90 36.73 -4.30
CA ASP D 41 12.32 36.92 -4.59
C ASP D 41 12.95 35.64 -5.16
N ALA D 42 12.15 34.59 -5.29
CA ALA D 42 12.68 33.31 -5.76
C ALA D 42 13.17 33.44 -7.19
N LYS D 43 14.31 32.82 -7.47
CA LYS D 43 14.90 32.90 -8.79
C LYS D 43 14.95 31.50 -9.42
N PRO D 44 15.00 31.44 -10.76
CA PRO D 44 15.17 30.17 -11.46
C PRO D 44 16.26 29.29 -10.83
N GLY D 45 15.96 28.01 -10.65
CA GLY D 45 16.92 27.07 -10.11
C GLY D 45 16.40 25.63 -10.13
N LYS D 46 17.24 24.71 -9.69
CA LYS D 46 16.94 23.28 -9.75
C LYS D 46 16.47 22.72 -8.40
N ILE D 47 15.40 21.92 -8.41
CA ILE D 47 14.97 21.21 -7.20
C ILE D 47 15.89 20.04 -6.89
N ASP D 48 16.49 20.05 -5.70
CA ASP D 48 17.26 18.90 -5.23
C ASP D 48 16.31 17.86 -4.65
N VAL D 49 15.95 16.86 -5.47
CA VAL D 49 14.95 15.88 -5.09
C VAL D 49 15.38 15.07 -3.86
N ASN D 50 16.66 14.71 -3.78
CA ASN D 50 17.17 13.98 -2.63
C ASN D 50 17.03 14.79 -1.35
N GLU D 51 17.15 16.10 -1.45
CA GLU D 51 16.98 16.97 -0.29
C GLU D 51 15.49 17.06 0.06
N PHE D 52 14.65 17.06 -0.97
CA PHE D 52 13.21 17.14 -0.78
C PHE D 52 12.68 15.86 -0.13
N LYS D 53 13.25 14.73 -0.50
CA LYS D 53 12.81 13.45 0.05
C LYS D 53 13.25 13.28 1.50
N LYS D 54 14.45 13.73 1.83
CA LYS D 54 14.90 13.71 3.22
C LYS D 54 13.97 14.56 4.08
N ALA D 55 13.56 15.71 3.56
CA ALA D 55 12.65 16.59 4.27
C ALA D 55 11.31 15.92 4.56
N ILE D 56 10.73 15.30 3.55
CA ILE D 56 9.37 14.78 3.68
C ILE D 56 9.39 13.49 4.52
N TYR D 57 10.50 12.74 4.44
CA TYR D 57 10.67 11.57 5.29
C TYR D 57 10.72 11.95 6.76
N LEU D 58 11.43 13.03 7.08
CA LEU D 58 11.55 13.50 8.45
C LEU D 58 10.19 13.84 9.05
N LEU D 59 9.31 14.49 8.29
CA LEU D 59 7.95 14.75 8.75
C LEU D 59 7.15 13.46 8.88
N ILE D 60 7.43 12.50 8.00
CA ILE D 60 6.75 11.20 8.07
C ILE D 60 7.14 10.47 9.36
N GLU D 61 8.42 10.54 9.72
CA GLU D 61 8.88 9.99 10.99
C GLU D 61 8.22 10.70 12.16
N ALA D 62 8.12 12.03 12.05
CA ALA D 62 7.52 12.85 13.11
C ALA D 62 6.03 12.58 13.25
N ASP D 63 5.44 11.98 12.23
CA ASP D 63 4.00 11.70 12.22
C ASP D 63 3.66 10.64 13.27
N ASP D 64 4.62 9.78 13.59
CA ASP D 64 4.42 8.74 14.60
C ASP D 64 4.05 9.33 15.96
N PHE D 65 4.56 10.52 16.26
CA PHE D 65 4.25 11.18 17.53
C PHE D 65 2.79 11.56 17.62
N LEU D 66 2.15 11.80 16.47
CA LEU D 66 0.73 12.13 16.45
C LEU D 66 -0.13 10.90 16.72
N TYR D 67 0.44 9.74 16.42
CA TYR D 67 -0.19 8.47 16.75
C TYR D 67 0.14 8.08 18.19
N LYS D 68 1.44 7.92 18.47
CA LYS D 68 1.89 7.38 19.75
C LYS D 68 1.55 8.26 20.96
N LYS D 69 1.27 9.55 20.72
CA LYS D 69 0.96 10.45 21.82
C LYS D 69 -0.49 10.96 21.78
N ALA D 70 -1.28 10.38 20.87
CA ALA D 70 -2.71 10.65 20.83
C ALA D 70 -3.36 10.21 22.15
N PRO D 71 -4.44 10.91 22.57
CA PRO D 71 -5.10 12.05 21.91
C PRO D 71 -4.52 13.41 22.26
N LYS D 72 -3.84 13.54 23.39
CA LYS D 72 -3.48 14.86 23.91
C LYS D 72 -2.22 15.44 23.27
N HIS D 73 -1.38 14.58 22.70
CA HIS D 73 -0.15 14.96 22.04
C HIS D 73 0.76 15.86 22.89
N GLU D 74 0.65 15.74 24.20
CA GLU D 74 1.57 16.43 25.10
C GLU D 74 2.88 15.66 25.17
N LEU D 75 4.00 16.37 25.05
CA LEU D 75 5.30 15.73 25.04
C LEU D 75 6.11 16.12 26.26
N ASN D 76 6.89 15.18 26.77
CA ASN D 76 7.81 15.50 27.85
C ASN D 76 9.15 15.94 27.27
N GLU D 77 10.08 16.31 28.14
CA GLU D 77 11.33 16.91 27.71
C GLU D 77 12.10 16.02 26.73
N GLU D 78 12.09 14.71 26.98
CA GLU D 78 12.85 13.80 26.14
C GLU D 78 12.16 13.59 24.80
N GLU D 79 10.83 13.51 24.84
CA GLU D 79 10.04 13.37 23.63
C GLU D 79 10.08 14.66 22.81
N ALA D 80 10.08 15.79 23.50
CA ALA D 80 10.16 17.09 22.83
C ALA D 80 11.48 17.25 22.09
N LYS D 81 12.58 16.82 22.70
CA LYS D 81 13.89 16.89 22.05
C LYS D 81 13.88 16.02 20.79
N GLU D 82 13.37 14.81 20.92
CA GLU D 82 13.38 13.85 19.84
C GLU D 82 12.49 14.30 18.67
N PHE D 83 11.36 14.90 19.02
CA PHE D 83 10.40 15.38 18.02
C PHE D 83 10.88 16.65 17.34
N CYS D 84 11.40 17.60 18.11
CA CYS D 84 11.84 18.87 17.56
C CYS D 84 13.11 18.68 16.74
N LYS D 85 13.91 17.69 17.11
CA LYS D 85 15.08 17.31 16.32
C LYS D 85 14.67 16.97 14.90
N LEU D 86 13.54 16.26 14.76
CA LEU D 86 13.03 15.90 13.45
C LEU D 86 12.58 17.13 12.66
N ILE D 87 11.72 17.95 13.28
CA ILE D 87 11.26 19.19 12.68
C ILE D 87 12.41 20.11 12.25
N ILE D 88 13.42 20.22 13.11
CA ILE D 88 14.53 21.14 12.85
C ILE D 88 15.42 20.62 11.74
N LYS D 89 15.64 19.31 11.71
CA LYS D 89 16.46 18.72 10.66
C LYS D 89 15.73 18.85 9.31
N CYS D 90 14.41 18.84 9.37
CA CYS D 90 13.59 19.02 8.17
C CYS D 90 13.70 20.44 7.63
N GLN D 91 13.60 21.42 8.52
CA GLN D 91 13.70 22.82 8.15
C GLN D 91 15.07 23.14 7.56
N GLU D 92 16.09 22.38 7.97
CA GLU D 92 17.41 22.57 7.41
C GLU D 92 17.45 22.10 5.96
N HIS D 93 16.85 20.93 5.72
CA HIS D 93 16.82 20.38 4.38
C HIS D 93 16.00 21.28 3.44
N LEU D 94 14.90 21.82 3.96
CA LEU D 94 14.11 22.78 3.23
C LEU D 94 14.93 24.03 2.88
N ASN D 95 15.80 24.45 3.80
CA ASN D 95 16.67 25.59 3.56
C ASN D 95 17.72 25.33 2.49
N LYS D 96 18.19 24.09 2.38
CA LYS D 96 19.13 23.74 1.33
C LYS D 96 18.44 23.79 -0.04
N ILE D 97 17.16 23.43 -0.06
CA ILE D 97 16.36 23.50 -1.27
C ILE D 97 16.16 24.95 -1.71
N LEU D 98 15.80 25.81 -0.76
CA LEU D 98 15.60 27.23 -1.03
C LEU D 98 16.88 27.94 -1.46
N ALA D 99 18.03 27.37 -1.09
CA ALA D 99 19.31 27.96 -1.46
C ALA D 99 19.52 27.87 -2.97
N ASN D 100 18.89 26.88 -3.59
CA ASN D 100 19.00 26.69 -5.03
C ASN D 100 18.16 27.68 -5.82
N PHE D 101 17.37 28.48 -5.11
CA PHE D 101 16.54 29.48 -5.77
C PHE D 101 16.90 30.90 -5.30
N GLY D 102 18.18 31.13 -5.04
CA GLY D 102 18.68 32.46 -4.74
C GLY D 102 18.70 32.84 -3.27
N PHE D 103 17.93 32.13 -2.47
CA PHE D 103 17.89 32.42 -1.04
C PHE D 103 19.19 32.00 -0.37
N GLU D 104 19.57 32.71 0.67
CA GLU D 104 20.88 32.49 1.29
C GLU D 104 20.74 32.20 2.78
N PHE D 105 21.56 31.29 3.28
CA PHE D 105 21.50 30.90 4.68
C PHE D 105 22.89 30.79 5.26
N GLU D 106 23.04 31.23 6.51
CA GLU D 106 24.37 31.55 7.03
C GLU D 106 25.20 30.40 7.59
N GLU D 107 24.76 29.17 7.40
CA GLU D 107 25.71 28.05 7.38
C GLU D 107 26.52 27.88 8.68
N LYS D 108 25.82 27.76 9.81
CA LYS D 108 26.50 27.56 11.10
C LYS D 108 27.52 28.65 11.40
N GLU D 109 28.63 28.23 12.01
CA GLU D 109 29.84 29.02 12.13
C GLU D 109 30.96 28.07 12.54
N ILE D 110 32.13 28.23 11.93
CA ILE D 110 33.28 27.36 12.24
C ILE D 110 34.61 28.12 12.22
N ASP D 111 35.36 28.01 13.31
CA ASP D 111 36.74 28.47 13.34
C ASP D 111 37.61 27.48 12.57
N GLU D 112 38.19 27.93 11.45
CA GLU D 112 38.91 27.02 10.57
C GLU D 112 40.36 26.79 10.99
N GLY D 113 40.78 27.50 12.03
CA GLY D 113 42.15 27.38 12.51
C GLY D 113 42.35 26.25 13.51
N ALA D 114 41.31 25.95 14.28
CA ALA D 114 41.41 24.96 15.34
C ALA D 114 41.46 23.54 14.81
N LEU D 115 42.10 22.64 15.57
CA LEU D 115 42.14 21.23 15.24
C LEU D 115 40.90 20.53 15.79
N TYR D 116 40.37 19.58 15.04
CA TYR D 116 39.18 18.86 15.45
C TYR D 116 39.38 17.35 15.40
N ILE D 117 39.44 16.73 16.57
CA ILE D 117 39.61 15.28 16.67
C ILE D 117 38.24 14.59 16.57
N VAL D 118 38.20 13.45 15.87
CA VAL D 118 36.94 12.74 15.66
C VAL D 118 37.16 11.23 15.54
N SER D 119 36.19 10.44 15.99
CA SER D 119 36.29 8.99 15.98
C SER D 119 35.86 8.37 14.64
N ASN D 120 34.66 8.73 14.17
CA ASN D 120 34.16 8.24 12.89
C ASN D 120 34.83 8.97 11.76
N LYS D 121 34.85 8.40 10.58
CA LYS D 121 35.28 9.25 9.50
C LYS D 121 34.08 9.61 8.63
N LYS D 122 32.91 9.11 9.02
CA LYS D 122 31.69 9.66 8.44
C LYS D 122 31.58 11.10 8.93
N LEU D 123 31.81 11.31 10.23
CA LEU D 123 31.90 12.65 10.78
C LEU D 123 33.08 13.41 10.18
N PHE D 124 34.21 12.72 10.09
CA PHE D 124 35.42 13.26 9.45
C PHE D 124 35.11 13.71 8.03
N LYS D 125 34.53 12.81 7.25
CA LYS D 125 34.17 13.10 5.87
C LYS D 125 33.26 14.33 5.83
N LYS D 126 32.14 14.25 6.55
CA LYS D 126 31.17 15.35 6.64
C LYS D 126 31.81 16.70 6.94
N LEU D 127 32.80 16.71 7.84
CA LEU D 127 33.50 17.94 8.18
C LEU D 127 34.30 18.46 7.00
N LYS D 128 34.94 17.53 6.28
CA LYS D 128 35.80 17.89 5.17
C LYS D 128 35.03 18.34 3.93
N ASN D 129 33.73 18.01 3.82
CA ASN D 129 32.94 18.53 2.71
C ASN D 129 32.28 19.87 3.02
N LYS D 130 31.80 20.01 4.24
CA LYS D 130 31.29 21.30 4.68
C LYS D 130 32.40 22.34 4.60
N ASN D 131 33.62 21.88 4.84
CA ASN D 131 34.79 22.74 4.77
C ASN D 131 36.05 21.89 4.54
N PRO D 132 36.62 21.96 3.33
CA PRO D 132 37.74 21.09 2.94
C PRO D 132 39.07 21.44 3.60
N ASN D 133 39.50 22.71 3.50
CA ASN D 133 40.78 23.12 4.07
C ASN D 133 40.74 23.13 5.60
N LEU D 134 39.53 22.97 6.14
CA LEU D 134 39.34 22.71 7.56
C LEU D 134 40.11 21.45 7.94
N LYS D 135 40.86 21.50 9.03
CA LYS D 135 41.77 20.40 9.36
C LYS D 135 41.27 19.52 10.51
N VAL D 136 41.10 18.23 10.24
CA VAL D 136 40.58 17.27 11.20
C VAL D 136 41.34 15.94 11.15
N VAL D 137 41.28 15.19 12.25
CA VAL D 137 41.93 13.87 12.34
C VAL D 137 40.98 12.77 12.81
N CYS D 138 41.22 11.55 12.34
CA CYS D 138 40.36 10.43 12.70
C CYS D 138 41.10 9.39 13.54
N THR D 139 40.70 9.25 14.80
CA THR D 139 41.35 8.32 15.72
C THR D 139 40.90 6.88 15.50
N GLU D 140 39.81 6.72 14.75
CA GLU D 140 39.27 5.41 14.39
C GLU D 140 38.96 4.54 15.60
N GLY D 141 38.53 5.16 16.70
CA GLY D 141 37.98 4.38 17.81
C GLY D 141 38.57 4.55 19.20
N MET D 142 37.95 5.44 19.98
CA MET D 142 38.06 5.45 21.45
C MET D 142 39.43 5.77 22.04
N LEU D 143 40.46 5.74 21.21
CA LEU D 143 41.82 6.06 21.63
C LEU D 143 42.30 5.12 22.73
N ASP D 144 42.27 5.57 23.99
CA ASP D 144 42.90 4.77 25.04
C ASP D 144 42.15 3.47 25.23
N ILE D 145 42.75 2.58 25.97
CA ILE D 145 42.55 1.22 25.59
C ILE D 145 41.93 0.47 26.77
N GLU D 146 42.19 0.98 27.98
CA GLU D 146 41.28 0.76 29.11
C GLU D 146 40.11 1.75 28.99
N ASP D 147 40.28 2.77 28.16
CA ASP D 147 39.14 3.47 27.60
C ASP D 147 38.39 2.46 26.72
N MET D 148 39.12 1.66 25.95
CA MET D 148 38.53 0.58 25.16
C MET D 148 37.98 -0.50 26.09
N ARG D 149 38.68 -0.76 27.21
CA ARG D 149 38.21 -1.74 28.20
C ARG D 149 36.88 -1.31 28.81
N ALA D 150 36.62 -0.01 28.77
CA ALA D 150 35.38 0.54 29.31
C ALA D 150 34.17 0.13 28.48
N ILE D 151 34.38 -0.13 27.19
CA ILE D 151 33.29 -0.63 26.37
C ILE D 151 33.20 -2.16 26.45
N GLY D 152 34.33 -2.85 26.26
CA GLY D 152 34.38 -4.28 26.54
C GLY D 152 35.19 -5.24 25.69
N VAL D 153 34.83 -6.51 25.82
CA VAL D 153 35.52 -7.68 25.25
C VAL D 153 37.04 -7.66 25.33
N PRO D 154 37.55 -8.39 26.35
CA PRO D 154 38.93 -8.84 26.54
C PRO D 154 39.70 -9.78 25.55
N GLU D 155 41.04 -9.58 25.39
CA GLU D 155 41.81 -8.35 25.70
C GLU D 155 43.30 -8.34 25.14
N LYS D 156 44.05 -9.41 24.77
CA LYS D 156 45.34 -9.02 24.12
C LYS D 156 45.15 -8.82 22.59
N ALA D 157 43.90 -8.77 22.20
CA ALA D 157 43.53 -7.96 21.07
C ALA D 157 43.92 -6.51 21.40
N LEU D 158 43.88 -6.16 22.69
CA LEU D 158 44.28 -4.78 23.09
C LEU D 158 45.74 -4.37 22.89
N GLU D 159 46.64 -5.12 23.48
CA GLU D 159 48.05 -4.85 23.27
C GLU D 159 48.44 -5.41 21.91
N GLY D 160 47.40 -5.81 21.22
CA GLY D 160 47.44 -6.08 19.81
C GLY D 160 47.04 -4.77 19.16
N LEU D 161 46.21 -4.02 19.86
CA LEU D 161 45.86 -2.64 19.50
C LEU D 161 46.96 -1.69 19.98
N LYS D 162 48.01 -2.25 20.57
CA LYS D 162 49.14 -1.48 21.10
C LYS D 162 49.61 -0.35 20.18
N LYS D 163 49.87 -0.70 18.93
CA LYS D 163 50.36 0.28 17.96
C LYS D 163 49.28 1.31 17.61
N LYS D 164 48.13 0.80 17.20
CA LYS D 164 46.93 1.55 16.83
C LYS D 164 46.53 2.72 17.65
N VAL D 165 46.20 2.31 18.85
CA VAL D 165 45.79 3.17 19.90
C VAL D 165 46.72 4.35 19.88
N GLU D 166 48.02 4.07 20.04
CA GLU D 166 49.03 5.11 19.96
C GLU D 166 49.25 5.55 18.50
N ILE D 167 48.99 4.70 17.51
CA ILE D 167 49.07 5.20 16.14
C ILE D 167 48.12 6.39 15.92
N ALA D 168 46.90 6.33 16.45
CA ALA D 168 46.06 7.53 16.59
C ALA D 168 46.79 8.58 17.43
N ARG D 169 47.36 8.16 18.56
CA ARG D 169 48.10 9.08 19.43
C ARG D 169 49.50 9.41 18.93
N LYS D 170 49.94 8.79 17.83
CA LYS D 170 51.12 9.28 17.12
C LYS D 170 50.67 10.36 16.16
N ASN D 171 49.69 10.01 15.33
CA ASN D 171 49.35 10.78 14.14
C ASN D 171 48.72 12.10 14.51
N VAL D 172 47.93 12.11 15.58
CA VAL D 172 47.39 13.35 16.13
C VAL D 172 48.52 14.35 16.27
N GLU D 173 49.66 13.89 16.77
CA GLU D 173 50.86 14.72 16.88
C GLU D 173 51.31 15.24 15.52
N ARG D 174 51.50 14.34 14.55
CA ARG D 174 51.97 14.74 13.22
C ARG D 174 51.14 15.85 12.59
N PHE D 175 49.91 16.03 13.08
CA PHE D 175 49.12 17.20 12.70
C PHE D 175 49.35 18.35 13.66
N ILE D 176 49.16 18.11 14.96
CA ILE D 176 49.33 19.19 15.90
C ILE D 176 50.81 19.62 15.80
N GLU D 177 51.77 18.71 15.92
CA GLU D 177 53.20 19.06 15.93
C GLU D 177 53.66 20.22 15.02
N LYS D 178 53.14 20.33 13.80
CA LYS D 178 53.62 21.41 12.93
C LYS D 178 52.62 22.56 12.64
N TYR D 179 51.33 22.26 12.50
CA TYR D 179 50.35 23.33 12.35
C TYR D 179 50.12 24.02 13.68
N LYS D 180 50.64 23.39 14.73
CA LYS D 180 49.99 23.32 16.04
C LYS D 180 49.05 24.48 16.31
N PRO D 181 47.77 24.15 16.43
CA PRO D 181 46.62 25.03 16.58
C PRO D 181 46.67 25.87 17.84
N GLU D 182 45.84 26.90 17.87
CA GLU D 182 45.64 27.64 19.10
C GLU D 182 45.00 26.70 20.10
N LYS D 183 43.76 26.28 19.86
CA LYS D 183 43.10 25.29 20.70
C LYS D 183 42.50 24.15 19.86
N ILE D 184 42.19 23.04 20.53
CA ILE D 184 41.87 21.78 19.86
C ILE D 184 40.55 21.16 20.30
N PHE D 185 39.49 21.34 19.52
CA PHE D 185 38.18 20.80 19.87
C PHE D 185 38.04 19.31 19.53
N VAL D 186 37.18 18.63 20.27
CA VAL D 186 36.80 17.25 19.97
C VAL D 186 35.30 17.16 19.76
N VAL D 187 34.88 16.82 18.55
CA VAL D 187 33.46 16.76 18.23
C VAL D 187 32.80 15.56 18.89
N VAL D 188 31.59 15.76 19.40
CA VAL D 188 30.87 14.71 20.11
C VAL D 188 29.53 14.42 19.46
N GLU D 189 29.34 13.19 18.97
CA GLU D 189 28.08 12.81 18.35
C GLU D 189 27.31 11.78 19.18
N ASP D 190 27.99 11.12 20.12
CA ASP D 190 27.31 10.38 21.19
C ASP D 190 28.20 10.21 22.42
N ASP D 191 27.60 9.74 23.51
CA ASP D 191 28.23 9.73 24.83
C ASP D 191 29.61 9.05 24.90
N LYS D 192 29.88 8.08 24.03
CA LYS D 192 31.18 7.42 24.11
C LYS D 192 32.29 8.32 23.53
N ASP D 193 31.91 9.37 22.82
CA ASP D 193 32.87 10.32 22.25
C ASP D 193 33.44 11.24 23.33
N GLU D 194 32.63 11.54 24.35
CA GLU D 194 33.07 12.40 25.44
C GLU D 194 34.07 11.71 26.34
N LEU D 195 34.09 10.39 26.30
CA LEU D 195 35.14 9.65 26.99
C LEU D 195 36.46 9.89 26.25
N LEU D 196 36.38 9.88 24.92
CA LEU D 196 37.52 10.18 24.07
C LEU D 196 37.89 11.65 24.27
N TYR D 197 36.88 12.44 24.57
CA TYR D 197 37.07 13.82 24.90
C TYR D 197 37.99 14.00 26.11
N LEU D 198 37.70 13.25 27.17
CA LEU D 198 38.43 13.33 28.43
C LEU D 198 39.91 13.00 28.27
N ARG D 199 40.21 11.95 27.50
CA ARG D 199 41.59 11.52 27.33
C ARG D 199 42.37 12.45 26.42
N ALA D 200 41.70 12.87 25.34
CA ALA D 200 42.29 13.76 24.36
C ALA D 200 42.84 14.98 25.04
N LYS D 201 42.22 15.39 26.13
CA LYS D 201 42.60 16.67 26.67
C LYS D 201 42.73 16.55 28.19
N ASN D 202 43.02 15.33 28.61
CA ASN D 202 43.95 15.13 29.69
C ASN D 202 45.18 15.87 29.16
N LEU D 203 45.30 15.72 27.84
CA LEU D 203 46.43 16.10 27.03
C LEU D 203 46.34 17.55 26.52
N TYR D 204 45.24 17.94 25.85
CA TYR D 204 45.25 19.24 25.13
C TYR D 204 44.00 20.18 25.00
N ASN D 205 43.14 20.32 26.01
CA ASN D 205 42.05 21.35 26.01
C ASN D 205 40.99 21.49 24.85
N ALA D 206 39.69 21.55 25.20
CA ALA D 206 38.52 22.10 24.40
C ALA D 206 37.43 21.10 23.87
N GLU D 207 36.13 21.42 24.04
CA GLU D 207 35.01 20.53 23.59
C GLU D 207 33.99 21.12 22.62
N LYS D 208 33.50 20.30 21.69
CA LYS D 208 32.35 20.68 20.88
C LYS D 208 31.45 19.53 20.43
N LEU D 209 30.32 19.91 19.85
CA LEU D 209 29.22 19.00 19.50
C LEU D 209 28.15 19.77 18.74
N ASP D 210 27.54 19.12 17.74
CA ASP D 210 26.30 19.61 17.09
C ASP D 210 26.33 21.05 16.57
N ALA D 211 27.08 21.93 17.21
CA ALA D 211 27.11 23.36 16.93
C ALA D 211 27.67 23.69 15.54
N ASP D 212 28.31 22.72 14.91
CA ASP D 212 28.83 22.91 13.56
C ASP D 212 28.20 21.95 12.57
N GLU D 213 27.03 21.41 12.93
CA GLU D 213 26.31 20.47 12.08
C GLU D 213 24.83 20.84 11.96
#